data_4QFR
#
_entry.id   4QFR
#
_cell.length_a   124.620
_cell.length_b   124.620
_cell.length_c   402.920
_cell.angle_alpha   90.00
_cell.angle_beta   90.00
_cell.angle_gamma   120.00
#
_symmetry.space_group_name_H-M   'P 61 2 2'
#
loop_
_entity.id
_entity.type
_entity.pdbx_description
1 polymer "5'-AMP-activated protein kinase catalytic subunit alpha-1"
2 polymer "5'-AMP-activated protein kinase subunit beta-1"
3 polymer "5'-AMP-activated protein kinase subunit gamma-1"
4 non-polymer STAUROSPORINE
5 non-polymer 'CHLORIDE ION'
6 non-polymer "2-chloro-4-hydroxy-3-(2'-hydroxybiphenyl-4-yl)-6-oxo-6,7-dihydrothieno[2,3-b]pyridine-5-carbonitrile"
7 non-polymer 'ADENOSINE MONOPHOSPHATE'
8 non-polymer "ADENOSINE-5'-DIPHOSPHATE"
9 non-polymer 'SULFATE ION'
#
loop_
_entity_poly.entity_id
_entity_poly.type
_entity_poly.pdbx_seq_one_letter_code
_entity_poly.pdbx_strand_id
1 'polypeptide(L)'
;GATAEKQKHDGRVKIGHYILGDTLGVGTFGKVKVGKHELTGHKVAVKILNRQKIRSLDVVGKIRREIQNLKLFRHPHIIK
LYQVISTPSDIFMVMEYVSGGELFDYICKNGRLDEKESRRLFQQILSGVDYCHRHMVVHRDLKPENVLLDAHMNAKIADF
GLSNMMSDGEFLR(TPO)SCGSPNYAAPEVISGRLYAGPEVDIWSSGVILYALLCGTLPFDDDHVPTLFKKICDGIFYTP
QYLNPSVISLLKHMLQVDPMKRATIKDIREHEWFKQDLPKYLFPEDPSYSSTMIDDEALKEVCEKFECSEEEVLSCLYNR
NHQDPLAVAYHLIIDNRRIMNEAKDFYLATSPPDSFLDDHHLTRPHPERVPFLVAETPRARHTLDELNPQKSKHQGVRKA
KWHLGIRSQSRPNDIMAEVCRAIKQLDYEWKVVNPYYLRVRRKNPVTSTFSKMSLQLYQVDSRTYLLDFRSIDDEASGGP
GGSAPRPGSHTIEFFEMCANLIKILAQ
;
A
2 'polypeptide(L)'
;MEVNEKAPAQARPTVFRWTGGGKEVYLSGSFNNWSKLPLTRDQNNFVAILDLPEGEHQYKFFVDGQWTHDPSEPIVTSQL
GTVNNIIQVKKTDFEVFDALMVDSQKCSDVSELSSSPPGPYHQEPYISKPEERFKAPPILPPHLLQVILNKDTGISCDPA
LLPEPNHVMLNHLYALSIKDGVMVLSATHRYKKKYVTTLLYKPI
;
B
3 'polypeptide(L)'
;MESVAAESAPAPENEHSQETPESNSSVYTTFMKSHRCYDLIPTSSKLVVFDTSLQVKKAFFALVTNGVRAAPLWDSKKQS
FVGMLTITDFINILHRYYKSALVQIYELEEHKIETWREVYLQDSFKPLVCISPNASLFDAVSSLIRNKIHRLPVIDPESG
NTLYILTHKRILKFLKLFITEFPKPEFMSKSLEELQIGTYANIAMVRTTTPVYVALGIFVQHRVSALPVVDEKGRVVDIY
SKFDVINLAAEKTYNNLDVSVTKALQHRSHYFEGVLKCYLHETLEAIINRLVEAEVHRLVVVDEHDVVKGIVSLSDILQA
LVLTGGEKKP
;
C
#
# COMPACT_ATOMS: atom_id res chain seq x y z
N GLY A 11 -34.16 -37.46 15.91
CA GLY A 11 -32.82 -37.99 16.17
C GLY A 11 -31.80 -37.51 15.14
N ARG A 12 -31.88 -36.19 14.83
CA ARG A 12 -31.08 -35.48 13.83
C ARG A 12 -30.12 -34.44 14.46
N VAL A 13 -28.85 -34.42 14.01
CA VAL A 13 -27.83 -33.48 14.48
C VAL A 13 -28.06 -32.11 13.82
N LYS A 14 -28.33 -31.07 14.62
CA LYS A 14 -28.61 -29.75 14.04
C LYS A 14 -27.68 -28.65 14.56
N ILE A 15 -27.39 -27.66 13.69
CA ILE A 15 -26.62 -26.43 13.96
C ILE A 15 -27.19 -25.35 13.05
N GLY A 16 -27.78 -24.34 13.67
CA GLY A 16 -28.62 -23.33 13.02
C GLY A 16 -29.89 -24.14 12.94
N HIS A 17 -30.57 -24.13 11.79
CA HIS A 17 -31.68 -25.08 11.70
C HIS A 17 -31.37 -26.10 10.63
N TYR A 18 -30.09 -26.22 10.36
CA TYR A 18 -29.57 -27.12 9.38
C TYR A 18 -29.28 -28.43 9.99
N ILE A 19 -29.77 -29.48 9.37
CA ILE A 19 -29.49 -30.83 9.85
C ILE A 19 -28.13 -31.22 9.19
N LEU A 20 -27.13 -31.54 10.02
CA LEU A 20 -25.80 -31.92 9.54
C LEU A 20 -25.86 -33.31 8.94
N GLY A 21 -25.49 -33.39 7.68
CA GLY A 21 -25.50 -34.64 6.95
C GLY A 21 -24.13 -35.27 6.72
N ASP A 22 -23.86 -35.61 5.44
CA ASP A 22 -22.65 -36.28 4.97
C ASP A 22 -21.44 -35.38 4.93
N THR A 23 -20.26 -35.93 5.28
CA THR A 23 -18.99 -35.20 5.21
C THR A 23 -18.62 -35.11 3.74
N LEU A 24 -18.35 -33.88 3.29
CA LEU A 24 -18.04 -33.53 1.90
C LEU A 24 -16.58 -33.71 1.59
N GLY A 25 -15.75 -33.35 2.54
CA GLY A 25 -14.30 -33.49 2.45
C GLY A 25 -13.70 -33.04 3.75
N VAL A 26 -12.36 -33.11 3.87
CA VAL A 26 -11.72 -32.57 5.07
C VAL A 26 -11.04 -31.23 4.73
N GLY A 27 -10.15 -31.23 3.74
CA GLY A 27 -9.54 -29.94 3.41
C GLY A 27 -8.54 -29.49 4.46
N THR A 28 -8.24 -28.15 4.48
CA THR A 28 -7.19 -27.61 5.31
C THR A 28 -7.42 -27.78 6.82
N PHE A 29 -8.37 -27.05 7.43
CA PHE A 29 -8.39 -27.11 8.89
C PHE A 29 -9.50 -27.92 9.59
N GLY A 30 -10.36 -28.63 8.86
CA GLY A 30 -11.36 -29.49 9.51
C GLY A 30 -12.46 -29.98 8.60
N LYS A 31 -13.15 -31.08 8.99
CA LYS A 31 -14.28 -31.67 8.24
C LYS A 31 -15.29 -30.61 7.73
N VAL A 32 -15.77 -30.78 6.48
CA VAL A 32 -16.83 -29.93 5.88
C VAL A 32 -18.01 -30.86 5.66
N LYS A 33 -19.16 -30.59 6.28
CA LYS A 33 -20.32 -31.45 6.10
C LYS A 33 -21.45 -30.67 5.46
N VAL A 34 -22.47 -31.39 4.91
CA VAL A 34 -23.69 -30.76 4.38
C VAL A 34 -24.63 -30.39 5.54
N GLY A 35 -25.48 -29.41 5.28
CA GLY A 35 -26.49 -28.93 6.22
C GLY A 35 -27.75 -28.66 5.41
N LYS A 36 -28.87 -29.29 5.78
CA LYS A 36 -30.12 -29.07 5.08
C LYS A 36 -31.06 -28.43 6.06
N HIS A 37 -31.59 -27.24 5.74
CA HIS A 37 -32.51 -26.52 6.63
C HIS A 37 -33.83 -27.25 6.85
N GLU A 38 -34.08 -27.53 8.12
CA GLU A 38 -35.24 -28.18 8.72
C GLU A 38 -36.53 -27.88 7.96
N LEU A 39 -36.86 -26.59 7.79
CA LEU A 39 -38.08 -26.15 7.13
C LEU A 39 -37.93 -25.91 5.63
N THR A 40 -36.90 -25.17 5.18
CA THR A 40 -36.79 -24.79 3.76
C THR A 40 -36.14 -25.81 2.82
N GLY A 41 -35.28 -26.67 3.36
CA GLY A 41 -34.55 -27.64 2.56
C GLY A 41 -33.32 -27.04 1.90
N HIS A 42 -33.03 -25.78 2.26
CA HIS A 42 -31.87 -25.05 1.77
C HIS A 42 -30.62 -25.79 2.23
N LYS A 43 -29.68 -26.04 1.32
CA LYS A 43 -28.42 -26.76 1.62
C LYS A 43 -27.20 -25.83 1.82
N VAL A 44 -26.42 -26.11 2.87
CA VAL A 44 -25.20 -25.37 3.20
C VAL A 44 -24.03 -26.32 3.40
N ALA A 45 -22.81 -25.80 3.29
CA ALA A 45 -21.55 -26.51 3.56
C ALA A 45 -21.06 -25.95 4.91
N VAL A 46 -20.76 -26.82 5.87
CA VAL A 46 -20.40 -26.40 7.23
C VAL A 46 -18.98 -26.85 7.60
N LYS A 47 -18.00 -25.92 7.66
CA LYS A 47 -16.66 -26.30 8.11
C LYS A 47 -16.64 -26.38 9.65
N ILE A 48 -16.22 -27.55 10.20
CA ILE A 48 -16.16 -27.71 11.66
C ILE A 48 -14.71 -27.57 12.18
N LEU A 49 -14.48 -26.60 13.06
CA LEU A 49 -13.17 -26.37 13.66
C LEU A 49 -13.22 -26.69 15.11
N ASN A 50 -12.52 -27.74 15.53
CA ASN A 50 -12.51 -28.08 16.96
C ASN A 50 -11.58 -27.09 17.60
N ARG A 51 -12.09 -26.34 18.60
CA ARG A 51 -11.36 -25.31 19.34
C ARG A 51 -10.04 -25.89 19.89
N GLN A 52 -10.10 -27.04 20.60
CA GLN A 52 -8.94 -27.73 21.18
C GLN A 52 -7.97 -28.23 20.12
N LYS A 53 -8.46 -28.59 18.91
CA LYS A 53 -7.61 -29.03 17.80
C LYS A 53 -6.94 -27.80 17.18
N ILE A 54 -7.71 -26.72 16.86
CA ILE A 54 -7.15 -25.49 16.29
C ILE A 54 -6.15 -24.87 17.24
N ARG A 55 -6.18 -25.17 18.55
CA ARG A 55 -5.14 -24.58 19.39
C ARG A 55 -3.92 -25.48 19.43
N SER A 56 -4.09 -26.82 19.18
CA SER A 56 -2.97 -27.78 19.11
C SER A 56 -1.95 -27.41 18.02
N LEU A 57 -2.42 -27.04 16.82
CA LEU A 57 -1.59 -26.44 15.77
C LEU A 57 -1.77 -24.96 16.14
N ASP A 58 -0.76 -24.08 16.13
CA ASP A 58 -1.11 -22.73 16.58
C ASP A 58 -1.69 -21.87 15.44
N VAL A 59 -2.86 -22.30 14.96
CA VAL A 59 -3.57 -21.72 13.84
C VAL A 59 -4.74 -20.86 14.26
N VAL A 60 -4.87 -20.56 15.57
CA VAL A 60 -5.96 -19.69 16.06
C VAL A 60 -5.94 -18.31 15.35
N GLY A 61 -4.75 -17.74 15.16
CA GLY A 61 -4.60 -16.46 14.48
C GLY A 61 -5.06 -16.51 13.03
N LYS A 62 -4.70 -17.61 12.35
CA LYS A 62 -5.05 -17.93 10.95
C LYS A 62 -6.59 -17.96 10.79
N ILE A 63 -7.32 -18.70 11.67
CA ILE A 63 -8.78 -18.81 11.62
C ILE A 63 -9.46 -17.48 11.86
N ARG A 64 -8.98 -16.73 12.88
CA ARG A 64 -9.47 -15.40 13.26
C ARG A 64 -9.47 -14.50 12.00
N ARG A 65 -8.31 -14.43 11.29
CA ARG A 65 -8.10 -13.64 10.08
C ARG A 65 -8.99 -14.14 8.95
N GLU A 66 -8.95 -15.47 8.67
CA GLU A 66 -9.73 -16.17 7.64
C GLU A 66 -11.22 -15.82 7.75
N ILE A 67 -11.77 -15.82 8.99
CA ILE A 67 -13.17 -15.45 9.26
C ILE A 67 -13.37 -13.97 8.91
N GLN A 68 -12.55 -13.07 9.53
CA GLN A 68 -12.57 -11.62 9.33
C GLN A 68 -12.66 -11.26 7.85
N ASN A 69 -11.87 -11.94 6.98
CA ASN A 69 -11.83 -11.71 5.53
C ASN A 69 -13.10 -12.18 4.85
N LEU A 70 -13.24 -13.50 4.74
CA LEU A 70 -14.37 -14.18 4.11
C LEU A 70 -15.77 -13.67 4.52
N LYS A 71 -15.89 -13.02 5.69
CA LYS A 71 -17.18 -12.51 6.14
C LYS A 71 -17.62 -11.29 5.35
N LEU A 72 -16.67 -10.45 4.93
CA LEU A 72 -17.06 -9.28 4.17
C LEU A 72 -16.88 -9.42 2.64
N PHE A 73 -16.40 -10.58 2.17
CA PHE A 73 -16.27 -10.87 0.74
C PHE A 73 -17.67 -11.16 0.20
N ARG A 74 -17.92 -10.82 -1.06
CA ARG A 74 -19.18 -11.10 -1.74
C ARG A 74 -18.91 -11.10 -3.22
N HIS A 75 -18.39 -12.21 -3.73
CA HIS A 75 -18.09 -12.31 -5.17
C HIS A 75 -18.71 -13.59 -5.73
N PRO A 76 -19.32 -13.51 -6.96
CA PRO A 76 -20.04 -14.66 -7.52
C PRO A 76 -19.23 -15.92 -7.86
N HIS A 77 -17.89 -15.89 -7.73
CA HIS A 77 -17.07 -17.05 -8.05
C HIS A 77 -16.14 -17.44 -6.92
N ILE A 78 -16.46 -16.96 -5.69
CA ILE A 78 -15.83 -17.29 -4.39
C ILE A 78 -16.98 -17.75 -3.48
N ILE A 79 -16.78 -18.90 -2.77
CA ILE A 79 -17.77 -19.50 -1.84
C ILE A 79 -18.06 -18.53 -0.69
N LYS A 80 -19.32 -18.08 -0.57
CA LYS A 80 -19.84 -17.20 0.47
C LYS A 80 -19.82 -17.88 1.87
N LEU A 81 -19.43 -17.11 2.93
CA LEU A 81 -19.42 -17.55 4.32
C LEU A 81 -20.65 -16.87 4.95
N TYR A 82 -21.74 -17.60 5.00
CA TYR A 82 -23.03 -17.13 5.50
C TYR A 82 -23.03 -16.68 6.97
N GLN A 83 -22.42 -17.50 7.88
CA GLN A 83 -22.35 -17.25 9.33
C GLN A 83 -21.37 -18.20 10.03
N VAL A 84 -20.78 -17.73 11.15
CA VAL A 84 -19.90 -18.52 12.01
C VAL A 84 -20.60 -18.71 13.35
N ILE A 85 -20.89 -19.97 13.70
CA ILE A 85 -21.58 -20.33 14.94
C ILE A 85 -20.53 -20.88 15.89
N SER A 86 -20.27 -20.16 16.99
CA SER A 86 -19.29 -20.67 17.95
C SER A 86 -20.00 -21.40 19.07
N THR A 87 -19.41 -22.52 19.53
CA THR A 87 -19.90 -23.34 20.65
C THR A 87 -18.74 -23.51 21.63
N PRO A 88 -18.97 -23.99 22.89
CA PRO A 88 -17.85 -24.11 23.84
C PRO A 88 -16.71 -25.04 23.41
N SER A 89 -17.04 -25.98 22.53
CA SER A 89 -16.16 -27.05 22.09
C SER A 89 -15.63 -26.90 20.69
N ASP A 90 -16.47 -26.39 19.75
CA ASP A 90 -16.21 -26.28 18.30
C ASP A 90 -16.85 -25.04 17.63
N ILE A 91 -16.23 -24.62 16.55
CA ILE A 91 -16.64 -23.47 15.75
C ILE A 91 -17.14 -24.00 14.41
N PHE A 92 -18.32 -23.57 14.00
CA PHE A 92 -18.94 -24.00 12.75
C PHE A 92 -19.06 -22.86 11.75
N MET A 93 -18.42 -23.01 10.59
CA MET A 93 -18.45 -22.02 9.54
C MET A 93 -19.43 -22.44 8.48
N VAL A 94 -20.62 -21.82 8.50
CA VAL A 94 -21.70 -22.08 7.54
C VAL A 94 -21.40 -21.32 6.26
N MET A 95 -21.47 -22.01 5.10
CA MET A 95 -21.14 -21.46 3.76
C MET A 95 -22.10 -21.91 2.67
N GLU A 96 -22.06 -21.27 1.48
CA GLU A 96 -22.92 -21.68 0.37
C GLU A 96 -22.54 -23.08 -0.14
N TYR A 97 -23.53 -23.92 -0.48
CA TYR A 97 -23.27 -25.27 -0.98
C TYR A 97 -23.38 -25.34 -2.51
N VAL A 98 -22.41 -25.97 -3.20
CA VAL A 98 -22.47 -26.14 -4.67
C VAL A 98 -22.53 -27.64 -5.01
N SER A 99 -23.61 -28.04 -5.70
CA SER A 99 -23.93 -29.42 -6.10
C SER A 99 -22.87 -30.13 -6.96
N GLY A 100 -22.34 -29.42 -7.96
CA GLY A 100 -21.38 -29.92 -8.93
C GLY A 100 -20.04 -30.44 -8.43
N GLY A 101 -19.69 -30.06 -7.20
CA GLY A 101 -18.45 -30.48 -6.55
C GLY A 101 -17.18 -30.03 -7.26
N GLU A 102 -16.08 -30.78 -7.01
CA GLU A 102 -14.76 -30.52 -7.57
C GLU A 102 -14.77 -30.38 -9.09
N LEU A 103 -14.00 -29.39 -9.57
CA LEU A 103 -13.79 -29.14 -10.99
C LEU A 103 -12.84 -30.25 -11.46
N PHE A 104 -11.98 -30.69 -10.55
CA PHE A 104 -11.02 -31.75 -10.79
C PHE A 104 -11.78 -32.96 -11.26
N ASP A 105 -12.70 -33.47 -10.43
CA ASP A 105 -13.53 -34.61 -10.82
C ASP A 105 -14.24 -34.36 -12.15
N TYR A 106 -14.64 -33.11 -12.44
CA TYR A 106 -15.27 -32.81 -13.73
C TYR A 106 -14.30 -33.12 -14.88
N ILE A 107 -13.07 -32.57 -14.81
CA ILE A 107 -12.04 -32.78 -15.83
C ILE A 107 -11.62 -34.27 -15.88
N CYS A 108 -11.89 -35.04 -14.81
CA CYS A 108 -11.58 -36.47 -14.83
C CYS A 108 -12.63 -37.22 -15.64
N LYS A 109 -13.92 -36.98 -15.32
CA LYS A 109 -15.09 -37.66 -15.87
C LYS A 109 -15.28 -37.36 -17.32
N ASN A 110 -15.38 -36.07 -17.64
CA ASN A 110 -15.47 -35.49 -18.98
C ASN A 110 -14.03 -35.17 -19.21
N GLY A 111 -13.58 -34.95 -20.43
CA GLY A 111 -12.14 -34.74 -20.57
C GLY A 111 -11.72 -33.31 -20.37
N ARG A 112 -10.87 -32.82 -21.28
CA ARG A 112 -10.45 -31.43 -21.33
C ARG A 112 -11.65 -30.70 -21.88
N LEU A 113 -11.84 -29.44 -21.49
CA LEU A 113 -12.94 -28.55 -21.91
C LEU A 113 -12.55 -27.94 -23.27
N ASP A 114 -13.54 -27.68 -24.13
CA ASP A 114 -13.29 -27.03 -25.42
C ASP A 114 -12.80 -25.58 -25.18
N GLU A 115 -12.17 -24.93 -26.20
CA GLU A 115 -11.59 -23.59 -26.02
C GLU A 115 -12.54 -22.61 -25.37
N LYS A 116 -13.80 -22.59 -25.85
CA LYS A 116 -14.88 -21.72 -25.40
C LYS A 116 -15.26 -21.97 -23.95
N GLU A 117 -15.48 -23.23 -23.57
CA GLU A 117 -15.85 -23.52 -22.19
C GLU A 117 -14.72 -23.28 -21.17
N SER A 118 -13.45 -23.54 -21.59
CA SER A 118 -12.27 -23.36 -20.73
C SER A 118 -12.07 -21.90 -20.46
N ARG A 119 -12.29 -21.08 -21.48
CA ARG A 119 -12.14 -19.63 -21.40
C ARG A 119 -13.13 -19.07 -20.43
N ARG A 120 -14.41 -19.52 -20.51
CA ARG A 120 -15.51 -19.10 -19.64
C ARG A 120 -15.11 -19.29 -18.20
N LEU A 121 -14.72 -20.53 -17.85
CA LEU A 121 -14.29 -20.90 -16.52
C LEU A 121 -13.02 -20.17 -16.07
N PHE A 122 -12.02 -20.03 -16.96
CA PHE A 122 -10.81 -19.33 -16.59
C PHE A 122 -11.08 -17.85 -16.28
N GLN A 123 -12.02 -17.23 -17.02
CA GLN A 123 -12.45 -15.85 -16.75
C GLN A 123 -13.06 -15.77 -15.32
N GLN A 124 -14.01 -16.68 -15.01
CA GLN A 124 -14.65 -16.75 -13.69
C GLN A 124 -13.63 -16.94 -12.54
N ILE A 125 -12.69 -17.90 -12.70
CA ILE A 125 -11.67 -18.18 -11.68
C ILE A 125 -10.81 -16.93 -11.48
N LEU A 126 -10.19 -16.42 -12.56
CA LEU A 126 -9.32 -15.24 -12.51
C LEU A 126 -9.99 -14.00 -11.92
N SER A 127 -11.28 -13.80 -12.23
CA SER A 127 -12.10 -12.75 -11.66
C SER A 127 -12.01 -12.84 -10.13
N GLY A 128 -12.30 -14.03 -9.58
CA GLY A 128 -12.30 -14.30 -8.15
C GLY A 128 -10.94 -14.04 -7.54
N VAL A 129 -9.88 -14.60 -8.19
CA VAL A 129 -8.46 -14.48 -7.79
C VAL A 129 -8.12 -13.02 -7.69
N ASP A 130 -8.64 -12.23 -8.65
CA ASP A 130 -8.42 -10.80 -8.67
C ASP A 130 -9.08 -10.15 -7.45
N TYR A 131 -10.38 -10.37 -7.23
CA TYR A 131 -11.14 -9.86 -6.09
C TYR A 131 -10.39 -10.08 -4.77
N CYS A 132 -9.78 -11.28 -4.60
CA CYS A 132 -8.99 -11.62 -3.44
C CYS A 132 -7.87 -10.64 -3.24
N HIS A 133 -7.02 -10.48 -4.29
CA HIS A 133 -5.85 -9.62 -4.29
C HIS A 133 -6.21 -8.14 -4.10
N ARG A 134 -7.40 -7.73 -4.64
CA ARG A 134 -7.97 -6.38 -4.50
C ARG A 134 -8.32 -6.17 -3.02
N HIS A 135 -8.45 -7.27 -2.25
CA HIS A 135 -8.76 -7.24 -0.83
C HIS A 135 -7.56 -7.66 0.01
N MET A 136 -6.35 -7.50 -0.56
CA MET A 136 -5.08 -7.85 0.08
C MET A 136 -5.05 -9.28 0.59
N VAL A 137 -5.77 -10.20 -0.10
CA VAL A 137 -5.82 -11.61 0.30
C VAL A 137 -5.27 -12.47 -0.82
N VAL A 138 -4.26 -13.27 -0.51
CA VAL A 138 -3.73 -14.21 -1.48
C VAL A 138 -4.03 -15.64 -0.99
N HIS A 139 -4.86 -16.34 -1.77
CA HIS A 139 -5.27 -17.71 -1.51
C HIS A 139 -4.14 -18.56 -2.07
N ARG A 140 -3.13 -18.91 -1.27
CA ARG A 140 -2.12 -19.84 -1.82
C ARG A 140 -2.89 -21.19 -1.98
N ASP A 141 -2.39 -22.18 -2.72
CA ASP A 141 -3.12 -23.49 -2.84
C ASP A 141 -4.40 -23.39 -3.69
N LEU A 142 -4.23 -22.88 -4.89
CA LEU A 142 -5.28 -22.69 -5.88
C LEU A 142 -5.22 -23.89 -6.87
N LYS A 143 -6.12 -24.85 -6.74
CA LYS A 143 -6.08 -26.01 -7.65
C LYS A 143 -7.48 -26.42 -8.11
N PRO A 144 -7.71 -27.21 -9.20
CA PRO A 144 -9.10 -27.59 -9.56
C PRO A 144 -9.78 -28.44 -8.51
N GLU A 145 -9.01 -29.00 -7.57
CA GLU A 145 -9.55 -29.71 -6.42
C GLU A 145 -10.21 -28.68 -5.45
N ASN A 146 -9.80 -27.40 -5.46
CA ASN A 146 -10.37 -26.34 -4.63
C ASN A 146 -11.27 -25.44 -5.45
N VAL A 147 -11.50 -25.79 -6.71
CA VAL A 147 -12.39 -24.98 -7.53
C VAL A 147 -13.67 -25.80 -7.67
N LEU A 148 -14.72 -25.39 -6.98
CA LEU A 148 -15.95 -26.13 -7.04
C LEU A 148 -16.89 -25.53 -8.11
N LEU A 149 -17.80 -26.40 -8.60
CA LEU A 149 -18.78 -26.09 -9.63
C LEU A 149 -20.19 -26.14 -9.09
N ASP A 150 -21.04 -25.21 -9.58
CA ASP A 150 -22.45 -25.23 -9.21
C ASP A 150 -23.25 -25.87 -10.33
N ALA A 151 -24.58 -25.97 -10.15
CA ALA A 151 -25.51 -26.60 -11.08
C ALA A 151 -25.42 -26.02 -12.49
N HIS A 152 -25.15 -24.71 -12.58
CA HIS A 152 -25.03 -23.96 -13.82
C HIS A 152 -23.60 -23.82 -14.34
N MET A 153 -22.67 -24.64 -13.80
CA MET A 153 -21.29 -24.76 -14.26
C MET A 153 -20.40 -23.51 -13.96
N ASN A 154 -20.69 -22.78 -12.85
CA ASN A 154 -19.90 -21.62 -12.42
C ASN A 154 -18.86 -22.02 -11.42
N ALA A 155 -17.69 -21.44 -11.59
CA ALA A 155 -16.56 -21.67 -10.72
C ALA A 155 -16.82 -21.02 -9.35
N LYS A 156 -16.29 -21.66 -8.27
CA LYS A 156 -16.43 -21.17 -6.91
C LYS A 156 -15.15 -21.51 -6.14
N ILE A 157 -14.24 -20.52 -5.95
CA ILE A 157 -12.95 -20.70 -5.25
C ILE A 157 -13.24 -21.05 -3.79
N ALA A 158 -12.61 -22.12 -3.21
CA ALA A 158 -13.11 -22.51 -1.91
C ALA A 158 -12.14 -22.86 -0.78
N ASP A 159 -10.83 -23.06 -0.94
CA ASP A 159 -10.21 -23.39 0.36
C ASP A 159 -9.28 -22.32 0.92
N PHE A 160 -9.83 -21.43 1.73
CA PHE A 160 -8.99 -20.35 2.20
C PHE A 160 -8.16 -20.69 3.45
N GLY A 161 -7.94 -21.98 3.70
CA GLY A 161 -7.15 -22.42 4.85
C GLY A 161 -5.69 -22.01 4.82
N LEU A 162 -5.06 -22.19 3.63
CA LEU A 162 -3.65 -21.84 3.37
C LEU A 162 -3.45 -20.40 2.89
N SER A 163 -4.52 -19.59 2.79
CA SER A 163 -4.46 -18.19 2.41
C SER A 163 -3.68 -17.33 3.44
N ASN A 164 -3.37 -16.07 3.06
CA ASN A 164 -2.67 -15.08 3.90
C ASN A 164 -2.92 -13.67 3.42
N MET A 165 -2.68 -12.70 4.31
CA MET A 165 -2.87 -11.28 4.05
C MET A 165 -1.64 -10.71 3.39
N MET A 166 -1.81 -9.66 2.60
CA MET A 166 -0.71 -8.96 1.96
C MET A 166 -0.52 -7.65 2.73
N SER A 167 0.61 -7.53 3.45
CA SER A 167 0.87 -6.34 4.25
C SER A 167 1.87 -5.38 3.61
N ASP A 168 1.64 -4.05 3.74
CA ASP A 168 2.54 -3.05 3.18
C ASP A 168 4.00 -3.23 3.66
N GLY A 169 4.85 -3.57 2.71
CA GLY A 169 6.28 -3.75 2.91
C GLY A 169 6.74 -5.16 3.25
N GLU A 170 5.83 -6.15 3.29
CA GLU A 170 6.23 -7.50 3.66
C GLU A 170 5.98 -8.59 2.59
N PHE A 171 6.89 -9.59 2.63
CA PHE A 171 6.87 -10.78 1.79
C PHE A 171 6.25 -11.91 2.60
N LEU A 172 5.95 -13.04 1.95
CA LEU A 172 5.40 -14.20 2.63
C LEU A 172 6.45 -15.27 2.54
N ARG A 173 6.42 -16.29 3.44
CA ARG A 173 7.43 -17.36 3.32
C ARG A 173 6.85 -18.75 3.10
N SER A 175 5.73 -22.26 2.32
CA SER A 175 5.76 -22.96 1.04
C SER A 175 4.55 -23.87 0.95
N CYS A 176 3.35 -23.26 0.92
CA CYS A 176 2.08 -24.01 0.91
C CYS A 176 1.49 -24.26 -0.50
N GLY A 177 0.69 -25.35 -0.57
CA GLY A 177 0.00 -25.82 -1.76
C GLY A 177 0.64 -27.05 -2.37
N SER A 178 -0.15 -27.80 -3.19
CA SER A 178 0.27 -29.00 -3.94
C SER A 178 1.51 -28.71 -4.83
N PRO A 179 2.50 -29.60 -4.87
CA PRO A 179 3.68 -29.34 -5.70
C PRO A 179 3.45 -29.16 -7.21
N ASN A 180 2.36 -29.71 -7.78
CA ASN A 180 2.09 -29.58 -9.21
C ASN A 180 1.65 -28.16 -9.53
N TYR A 181 0.82 -27.61 -8.63
CA TYR A 181 0.27 -26.26 -8.78
C TYR A 181 1.16 -25.20 -8.15
N ALA A 182 2.18 -25.62 -7.38
CA ALA A 182 3.10 -24.71 -6.71
C ALA A 182 4.06 -24.02 -7.66
N ALA A 183 4.27 -22.70 -7.43
CA ALA A 183 5.16 -21.79 -8.16
C ALA A 183 6.64 -22.17 -7.93
N PRO A 184 7.60 -21.84 -8.86
CA PRO A 184 9.01 -22.27 -8.64
C PRO A 184 9.62 -21.75 -7.33
N GLU A 185 9.46 -20.43 -7.07
CA GLU A 185 9.92 -19.71 -5.87
C GLU A 185 9.35 -20.32 -4.60
N VAL A 186 8.15 -20.96 -4.67
CA VAL A 186 7.48 -21.64 -3.56
C VAL A 186 8.15 -22.98 -3.35
N ILE A 187 8.30 -23.81 -4.42
CA ILE A 187 8.98 -25.11 -4.33
C ILE A 187 10.43 -24.90 -3.87
N SER A 188 11.02 -23.72 -4.18
CA SER A 188 12.39 -23.33 -3.78
C SER A 188 12.43 -22.72 -2.36
N GLY A 189 11.26 -22.56 -1.73
CA GLY A 189 11.10 -21.97 -0.41
C GLY A 189 11.75 -20.61 -0.31
N ARG A 190 11.40 -19.73 -1.25
CA ARG A 190 11.95 -18.38 -1.32
C ARG A 190 10.84 -17.40 -0.95
N LEU A 191 11.19 -16.15 -0.63
CA LEU A 191 10.18 -15.15 -0.25
C LEU A 191 9.38 -14.68 -1.48
N TYR A 192 8.11 -14.34 -1.28
CA TYR A 192 7.27 -13.88 -2.39
C TYR A 192 6.29 -12.81 -1.97
N ALA A 193 5.82 -12.02 -2.94
CA ALA A 193 4.88 -10.93 -2.68
C ALA A 193 3.50 -11.46 -2.31
N GLY A 194 3.09 -12.49 -3.07
CA GLY A 194 1.79 -13.14 -2.94
C GLY A 194 1.05 -13.32 -4.25
N PRO A 195 0.60 -12.25 -4.96
CA PRO A 195 -0.21 -12.47 -6.16
C PRO A 195 0.45 -13.29 -7.24
N GLU A 196 1.80 -13.20 -7.38
CA GLU A 196 2.53 -13.89 -8.44
C GLU A 196 2.39 -15.39 -8.33
N VAL A 197 2.29 -15.90 -7.09
CA VAL A 197 2.17 -17.33 -6.85
C VAL A 197 0.77 -17.83 -7.21
N ASP A 198 -0.24 -16.94 -7.16
CA ASP A 198 -1.61 -17.24 -7.56
C ASP A 198 -1.80 -17.23 -9.05
N ILE A 199 -0.92 -16.51 -9.76
CA ILE A 199 -0.98 -16.47 -11.21
C ILE A 199 -0.42 -17.79 -11.71
N TRP A 200 0.76 -18.20 -11.19
CA TRP A 200 1.40 -19.46 -11.57
C TRP A 200 0.44 -20.64 -11.36
N SER A 201 -0.38 -20.57 -10.31
CA SER A 201 -1.38 -21.57 -9.98
C SER A 201 -2.56 -21.51 -10.94
N SER A 202 -3.04 -20.29 -11.26
CA SER A 202 -4.14 -20.07 -12.22
C SER A 202 -3.73 -20.54 -13.63
N GLY A 203 -2.43 -20.41 -13.93
CA GLY A 203 -1.82 -20.84 -15.19
C GLY A 203 -1.94 -22.33 -15.39
N VAL A 204 -1.58 -23.11 -14.35
CA VAL A 204 -1.69 -24.58 -14.41
C VAL A 204 -3.18 -25.03 -14.45
N ILE A 205 -4.08 -24.27 -13.76
CA ILE A 205 -5.51 -24.53 -13.84
C ILE A 205 -5.98 -24.39 -15.34
N LEU A 206 -5.55 -23.31 -16.01
CA LEU A 206 -5.87 -23.06 -17.42
C LEU A 206 -5.33 -24.19 -18.31
N TYR A 207 -4.16 -24.72 -17.94
CA TYR A 207 -3.57 -25.80 -18.72
C TYR A 207 -4.43 -27.03 -18.55
N ALA A 208 -4.85 -27.33 -17.30
CA ALA A 208 -5.72 -28.45 -16.98
C ALA A 208 -7.09 -28.32 -17.69
N LEU A 209 -7.67 -27.13 -17.69
CA LEU A 209 -8.93 -26.89 -18.37
C LEU A 209 -8.81 -27.20 -19.87
N LEU A 210 -7.70 -26.79 -20.52
CA LEU A 210 -7.55 -26.98 -21.97
C LEU A 210 -7.08 -28.35 -22.41
N CYS A 211 -6.22 -29.01 -21.62
CA CYS A 211 -5.59 -30.28 -21.96
C CYS A 211 -6.11 -31.49 -21.25
N GLY A 212 -6.75 -31.31 -20.11
CA GLY A 212 -7.22 -32.46 -19.34
C GLY A 212 -6.13 -33.11 -18.50
N THR A 213 -4.87 -32.61 -18.56
CA THR A 213 -3.72 -33.09 -17.79
C THR A 213 -2.97 -31.91 -17.14
N LEU A 214 -1.93 -32.20 -16.35
CA LEU A 214 -1.13 -31.18 -15.69
C LEU A 214 0.08 -30.84 -16.50
N PRO A 215 0.52 -29.57 -16.54
CA PRO A 215 1.68 -29.24 -17.35
C PRO A 215 2.96 -29.80 -16.77
N PHE A 216 3.08 -29.70 -15.44
CA PHE A 216 4.18 -30.18 -14.62
C PHE A 216 3.61 -31.27 -13.78
N ASP A 217 4.06 -32.49 -14.10
CA ASP A 217 3.68 -33.75 -13.49
C ASP A 217 4.63 -34.83 -13.98
N ASP A 218 5.05 -35.66 -13.00
CA ASP A 218 5.96 -36.79 -13.08
C ASP A 218 5.84 -37.50 -11.78
N ASP A 219 6.03 -38.83 -11.79
CA ASP A 219 6.00 -39.66 -10.59
C ASP A 219 7.31 -39.53 -9.84
N HIS A 220 8.39 -39.17 -10.57
CA HIS A 220 9.68 -38.89 -9.98
C HIS A 220 9.60 -37.44 -9.52
N VAL A 221 9.63 -37.22 -8.20
CA VAL A 221 9.53 -35.89 -7.59
C VAL A 221 10.70 -34.98 -8.01
N PRO A 222 11.99 -35.40 -7.92
CA PRO A 222 13.07 -34.50 -8.36
C PRO A 222 12.96 -34.00 -9.79
N THR A 223 12.49 -34.85 -10.74
CA THR A 223 12.29 -34.43 -12.14
C THR A 223 11.10 -33.50 -12.23
N LEU A 224 10.02 -33.76 -11.46
CA LEU A 224 8.86 -32.87 -11.42
C LEU A 224 9.38 -31.46 -11.02
N PHE A 225 10.16 -31.40 -9.92
CA PHE A 225 10.71 -30.17 -9.40
C PHE A 225 11.64 -29.45 -10.37
N LYS A 226 12.50 -30.19 -11.14
CA LYS A 226 13.39 -29.57 -12.14
C LYS A 226 12.52 -28.89 -13.17
N LYS A 227 11.49 -29.61 -13.68
CA LYS A 227 10.55 -29.15 -14.70
C LYS A 227 9.88 -27.85 -14.31
N ILE A 228 9.33 -27.76 -13.06
CA ILE A 228 8.68 -26.55 -12.52
C ILE A 228 9.64 -25.36 -12.54
N CYS A 229 10.91 -25.58 -12.23
CA CYS A 229 11.91 -24.55 -12.16
C CYS A 229 12.52 -24.24 -13.47
N ASP A 230 12.43 -25.16 -14.41
CA ASP A 230 12.91 -24.96 -15.77
C ASP A 230 11.75 -24.46 -16.62
N GLY A 231 10.59 -24.28 -15.98
CA GLY A 231 9.32 -23.81 -16.53
C GLY A 231 8.88 -24.38 -17.86
N ILE A 232 9.47 -25.51 -18.22
CA ILE A 232 9.27 -26.20 -19.46
C ILE A 232 8.11 -27.20 -19.32
N PHE A 233 7.13 -27.06 -20.21
CA PHE A 233 5.93 -27.90 -20.26
C PHE A 233 5.58 -28.18 -21.70
N TYR A 234 4.77 -29.21 -21.97
CA TYR A 234 4.41 -29.56 -23.34
C TYR A 234 3.11 -28.91 -23.78
N THR A 235 3.11 -28.31 -24.98
CA THR A 235 1.90 -27.72 -25.53
C THR A 235 1.41 -28.58 -26.66
N PRO A 236 0.33 -29.39 -26.45
CA PRO A 236 -0.17 -30.23 -27.55
C PRO A 236 -0.67 -29.43 -28.77
N GLN A 237 -0.72 -30.09 -29.94
CA GLN A 237 -1.11 -29.49 -31.22
C GLN A 237 -2.44 -28.77 -31.23
N TYR A 238 -3.43 -29.28 -30.47
CA TYR A 238 -4.76 -28.72 -30.43
C TYR A 238 -4.82 -27.37 -29.80
N LEU A 239 -3.81 -27.00 -28.98
CA LEU A 239 -3.74 -25.68 -28.33
C LEU A 239 -3.61 -24.51 -29.31
N ASN A 240 -4.42 -23.47 -29.05
CA ASN A 240 -4.42 -22.22 -29.82
C ASN A 240 -3.12 -21.48 -29.49
N PRO A 241 -2.30 -21.11 -30.49
CA PRO A 241 -1.07 -20.35 -30.20
C PRO A 241 -1.30 -19.11 -29.34
N SER A 242 -2.48 -18.46 -29.47
CA SER A 242 -2.79 -17.32 -28.62
C SER A 242 -2.90 -17.73 -27.14
N VAL A 243 -3.48 -18.91 -26.83
CA VAL A 243 -3.55 -19.33 -25.43
C VAL A 243 -2.17 -19.83 -24.99
N ILE A 244 -1.39 -20.47 -25.92
CA ILE A 244 -0.01 -20.89 -25.67
C ILE A 244 0.79 -19.65 -25.28
N SER A 245 0.57 -18.55 -25.98
CA SER A 245 1.22 -17.28 -25.68
C SER A 245 0.91 -16.83 -24.21
N LEU A 246 -0.37 -16.93 -23.82
CA LEU A 246 -0.84 -16.54 -22.48
C LEU A 246 -0.23 -17.46 -21.42
N LEU A 247 -0.22 -18.78 -21.66
CA LEU A 247 0.35 -19.78 -20.73
C LEU A 247 1.83 -19.56 -20.55
N LYS A 248 2.53 -19.13 -21.61
CA LYS A 248 3.97 -18.89 -21.59
C LYS A 248 4.25 -17.72 -20.65
N HIS A 249 3.37 -16.70 -20.68
CA HIS A 249 3.47 -15.48 -19.87
C HIS A 249 3.12 -15.68 -18.41
N MET A 250 2.23 -16.63 -18.09
CA MET A 250 1.79 -16.88 -16.72
C MET A 250 2.72 -17.87 -16.04
N LEU A 251 3.36 -18.76 -16.83
CA LEU A 251 4.23 -19.83 -16.34
C LEU A 251 5.71 -19.48 -16.57
N GLN A 252 6.07 -18.23 -16.14
CA GLN A 252 7.41 -17.65 -16.14
C GLN A 252 8.12 -18.07 -14.86
N VAL A 253 9.42 -18.46 -14.92
CA VAL A 253 10.07 -18.86 -13.66
C VAL A 253 10.50 -17.59 -12.92
N ASP A 254 10.75 -16.48 -13.68
CA ASP A 254 11.09 -15.19 -13.09
C ASP A 254 9.79 -14.50 -12.75
N PRO A 255 9.49 -14.28 -11.45
CA PRO A 255 8.24 -13.60 -11.09
C PRO A 255 8.20 -12.20 -11.66
N MET A 256 9.38 -11.59 -11.83
CA MET A 256 9.45 -10.27 -12.43
C MET A 256 9.01 -10.28 -13.88
N LYS A 257 9.19 -11.42 -14.59
CA LYS A 257 8.84 -11.60 -15.99
C LYS A 257 7.41 -12.17 -16.24
N ARG A 258 6.71 -12.53 -15.13
CA ARG A 258 5.39 -13.15 -15.10
C ARG A 258 4.23 -12.19 -15.22
N ALA A 259 3.18 -12.62 -15.96
CA ALA A 259 1.93 -11.89 -16.16
C ALA A 259 1.30 -11.43 -14.87
N THR A 260 0.72 -10.23 -14.87
CA THR A 260 0.00 -9.65 -13.75
C THR A 260 -1.45 -9.69 -14.19
N ILE A 261 -2.44 -9.73 -13.25
CA ILE A 261 -3.87 -9.81 -13.67
C ILE A 261 -4.16 -8.80 -14.84
N LYS A 262 -3.51 -7.61 -14.84
CA LYS A 262 -3.61 -6.59 -15.89
C LYS A 262 -3.17 -7.15 -17.27
N ASP A 263 -1.93 -7.70 -17.33
CA ASP A 263 -1.34 -8.31 -18.52
C ASP A 263 -2.31 -9.40 -19.09
N ILE A 264 -3.04 -10.08 -18.18
CA ILE A 264 -4.01 -11.12 -18.50
C ILE A 264 -5.30 -10.49 -19.07
N ARG A 265 -5.84 -9.47 -18.39
CA ARG A 265 -7.07 -8.78 -18.83
C ARG A 265 -6.89 -8.17 -20.23
N GLU A 266 -5.64 -7.80 -20.54
CA GLU A 266 -5.22 -7.18 -21.79
C GLU A 266 -4.91 -8.20 -22.87
N HIS A 267 -4.83 -9.48 -22.52
CA HIS A 267 -4.51 -10.53 -23.48
C HIS A 267 -5.72 -10.79 -24.37
N GLU A 268 -5.46 -10.89 -25.67
CA GLU A 268 -6.49 -11.08 -26.68
C GLU A 268 -7.35 -12.36 -26.50
N TRP A 269 -6.77 -13.43 -25.96
CA TRP A 269 -7.50 -14.68 -25.76
C TRP A 269 -8.47 -14.51 -24.60
N PHE A 270 -8.01 -13.85 -23.50
CA PHE A 270 -8.80 -13.59 -22.30
C PHE A 270 -9.97 -12.66 -22.58
N LYS A 271 -9.67 -11.51 -23.20
CA LYS A 271 -10.59 -10.44 -23.61
C LYS A 271 -11.81 -10.97 -24.36
N GLN A 272 -11.65 -12.08 -25.12
CA GLN A 272 -12.66 -12.67 -25.98
C GLN A 272 -13.87 -13.17 -25.23
N ASP A 273 -15.06 -12.68 -25.64
CA ASP A 273 -16.39 -12.98 -25.10
C ASP A 273 -16.52 -12.76 -23.56
N LEU A 274 -15.61 -11.96 -22.98
CA LEU A 274 -15.53 -11.65 -21.56
C LEU A 274 -16.71 -10.80 -21.05
N PRO A 275 -17.56 -11.37 -20.16
CA PRO A 275 -18.71 -10.62 -19.60
C PRO A 275 -18.33 -9.39 -18.81
N LYS A 276 -19.27 -8.46 -18.71
CA LYS A 276 -18.97 -7.25 -17.99
C LYS A 276 -19.04 -7.42 -16.47
N TYR A 277 -19.91 -8.34 -15.93
CA TYR A 277 -20.08 -8.52 -14.47
C TYR A 277 -18.77 -8.78 -13.72
N LEU A 278 -17.83 -9.52 -14.31
CA LEU A 278 -16.51 -9.76 -13.70
C LEU A 278 -15.69 -8.58 -14.22
N PHE A 279 -14.93 -7.94 -13.30
CA PHE A 279 -14.11 -6.73 -13.56
C PHE A 279 -14.96 -5.54 -14.04
N LYS A 397 21.01 7.16 -9.36
CA LYS A 397 20.87 5.70 -9.15
C LYS A 397 20.69 5.34 -7.64
N TRP A 398 19.49 4.86 -7.27
CA TRP A 398 19.15 4.48 -5.89
C TRP A 398 19.60 3.09 -5.58
N HIS A 399 19.71 2.76 -4.28
CA HIS A 399 20.14 1.45 -3.78
C HIS A 399 19.29 1.14 -2.57
N LEU A 400 18.86 -0.12 -2.45
CA LEU A 400 18.10 -0.57 -1.29
C LEU A 400 19.07 -0.88 -0.19
N GLY A 401 18.92 -0.22 0.96
CA GLY A 401 19.78 -0.39 2.12
C GLY A 401 21.27 -0.31 1.84
N ILE A 402 22.08 -0.97 2.70
CA ILE A 402 23.55 -1.04 2.57
C ILE A 402 24.00 -2.50 2.43
N ARG A 403 24.94 -2.75 1.49
CA ARG A 403 25.43 -4.11 1.19
C ARG A 403 26.87 -4.39 1.66
N SER A 404 26.99 -5.08 2.81
CA SER A 404 28.28 -5.52 3.40
C SER A 404 28.64 -6.92 2.90
N GLN A 405 29.94 -7.21 2.69
CA GLN A 405 30.40 -8.51 2.18
C GLN A 405 30.94 -9.48 3.27
N SER A 406 30.82 -9.10 4.57
CA SER A 406 31.27 -9.89 5.72
C SER A 406 30.48 -11.22 5.89
N ARG A 407 30.83 -12.04 6.91
CA ARG A 407 30.09 -13.29 7.17
C ARG A 407 28.80 -12.93 7.91
N PRO A 408 27.64 -13.47 7.46
CA PRO A 408 26.34 -13.11 8.07
C PRO A 408 26.30 -12.86 9.59
N ASN A 409 26.88 -13.76 10.41
CA ASN A 409 26.89 -13.61 11.87
C ASN A 409 27.72 -12.40 12.34
N ASP A 410 28.82 -12.06 11.62
CA ASP A 410 29.69 -10.89 11.93
C ASP A 410 28.88 -9.63 11.75
N ILE A 411 28.05 -9.58 10.68
CA ILE A 411 27.18 -8.46 10.32
C ILE A 411 26.18 -8.19 11.43
N MET A 412 25.63 -9.26 12.03
CA MET A 412 24.69 -9.16 13.13
C MET A 412 25.33 -8.64 14.40
N ALA A 413 26.63 -8.95 14.59
CA ALA A 413 27.42 -8.47 15.73
C ALA A 413 27.75 -7.00 15.49
N GLU A 414 28.19 -6.67 14.25
CA GLU A 414 28.51 -5.32 13.78
C GLU A 414 27.32 -4.38 13.92
N VAL A 415 26.09 -4.85 13.58
CA VAL A 415 24.88 -4.03 13.69
C VAL A 415 24.50 -3.84 15.15
N CYS A 416 24.52 -4.90 15.97
CA CYS A 416 24.21 -4.80 17.39
C CYS A 416 25.16 -3.91 18.15
N ARG A 417 26.48 -3.98 17.83
CA ARG A 417 27.50 -3.15 18.48
C ARG A 417 27.44 -1.69 18.02
N ALA A 418 26.46 -1.40 17.15
CA ALA A 418 26.17 -0.09 16.61
C ALA A 418 24.82 0.40 17.14
N ILE A 419 23.80 -0.47 17.15
CA ILE A 419 22.44 -0.15 17.62
C ILE A 419 22.47 0.32 19.08
N LYS A 420 23.17 -0.45 19.96
CA LYS A 420 23.35 -0.13 21.38
C LYS A 420 24.34 1.04 21.55
N GLN A 421 25.26 1.25 20.57
CA GLN A 421 26.22 2.37 20.57
C GLN A 421 25.46 3.70 20.34
N LEU A 422 24.19 3.57 19.90
CA LEU A 422 23.25 4.65 19.61
C LEU A 422 22.13 4.75 20.69
N ASP A 423 22.11 3.82 21.67
CA ASP A 423 21.14 3.72 22.77
C ASP A 423 19.72 3.52 22.23
N TYR A 424 19.52 2.40 21.53
CA TYR A 424 18.24 2.01 20.92
C TYR A 424 17.79 0.68 21.54
N GLU A 425 16.50 0.60 21.98
CA GLU A 425 15.90 -0.62 22.56
C GLU A 425 15.49 -1.54 21.41
N TRP A 426 15.71 -2.87 21.53
CA TRP A 426 15.33 -3.78 20.43
C TRP A 426 14.84 -5.15 20.89
N LYS A 427 14.58 -6.06 19.93
CA LYS A 427 14.16 -7.44 20.14
C LYS A 427 14.60 -8.31 18.93
N VAL A 428 15.58 -9.22 19.15
CA VAL A 428 16.11 -10.12 18.10
C VAL A 428 15.12 -11.29 17.82
N VAL A 429 14.32 -11.14 16.74
CA VAL A 429 13.32 -12.12 16.30
C VAL A 429 14.06 -13.34 15.71
N ASN A 430 14.44 -13.29 14.43
CA ASN A 430 15.20 -14.33 13.75
C ASN A 430 16.68 -14.04 14.05
N PRO A 431 17.65 -14.90 13.65
CA PRO A 431 19.06 -14.51 13.85
C PRO A 431 19.53 -13.41 12.88
N TYR A 432 18.68 -13.02 11.88
CA TYR A 432 18.96 -11.99 10.86
C TYR A 432 17.88 -10.88 10.76
N TYR A 433 16.89 -10.90 11.67
CA TYR A 433 15.76 -9.96 11.74
C TYR A 433 15.79 -9.31 13.12
N LEU A 434 15.83 -7.95 13.16
CA LEU A 434 15.86 -7.18 14.41
C LEU A 434 14.84 -6.07 14.43
N ARG A 435 13.89 -6.11 15.40
CA ARG A 435 12.88 -5.06 15.57
C ARG A 435 13.46 -4.06 16.60
N VAL A 436 13.77 -2.82 16.16
CA VAL A 436 14.38 -1.79 17.01
C VAL A 436 13.47 -0.53 17.20
N ARG A 437 13.61 0.09 18.38
CA ARG A 437 12.89 1.25 18.91
C ARG A 437 13.89 2.34 19.37
N ARG A 438 13.45 3.61 19.34
CA ARG A 438 14.22 4.80 19.74
C ARG A 438 13.31 5.77 20.50
N LYS A 439 13.78 6.25 21.66
CA LYS A 439 13.05 7.26 22.44
C LYS A 439 13.51 8.63 21.91
N ASN A 440 12.57 9.44 21.42
CA ASN A 440 12.90 10.77 20.87
C ASN A 440 13.27 11.73 22.00
N PRO A 441 14.39 12.49 21.88
CA PRO A 441 14.74 13.43 22.96
C PRO A 441 13.90 14.71 22.98
N VAL A 442 13.24 15.03 21.85
CA VAL A 442 12.42 16.23 21.70
C VAL A 442 10.91 15.92 21.81
N THR A 443 10.29 15.26 20.78
CA THR A 443 8.84 14.93 20.79
C THR A 443 8.43 13.99 21.95
N SER A 444 9.41 13.27 22.54
CA SER A 444 9.25 12.30 23.63
C SER A 444 8.19 11.24 23.26
N THR A 445 8.32 10.73 22.01
CA THR A 445 7.48 9.72 21.39
C THR A 445 8.38 8.66 20.76
N PHE A 446 8.09 7.38 21.04
CA PHE A 446 8.86 6.25 20.54
C PHE A 446 8.62 6.03 19.06
N SER A 447 9.68 5.71 18.29
CA SER A 447 9.64 5.44 16.85
C SER A 447 10.24 4.06 16.55
N LYS A 448 9.49 3.20 15.83
CA LYS A 448 9.94 1.84 15.53
C LYS A 448 10.31 1.64 14.06
N MET A 449 11.32 0.76 13.81
CA MET A 449 11.83 0.32 12.50
C MET A 449 12.41 -1.08 12.60
N SER A 450 12.25 -1.91 11.55
CA SER A 450 12.81 -3.27 11.60
C SER A 450 13.88 -3.48 10.56
N LEU A 451 14.97 -4.13 10.97
CA LEU A 451 16.12 -4.44 10.13
C LEU A 451 16.09 -5.91 9.76
N GLN A 452 16.49 -6.24 8.52
CA GLN A 452 16.52 -7.60 8.02
C GLN A 452 17.66 -7.78 7.01
N LEU A 453 18.49 -8.80 7.20
CA LEU A 453 19.61 -9.07 6.31
C LEU A 453 19.25 -10.15 5.29
N TYR A 454 19.43 -9.81 4.01
CA TYR A 454 19.20 -10.71 2.88
C TYR A 454 20.54 -11.04 2.24
N GLN A 455 20.55 -12.00 1.32
CA GLN A 455 21.72 -12.43 0.60
C GLN A 455 21.54 -12.03 -0.85
N VAL A 456 22.44 -11.20 -1.38
CA VAL A 456 22.33 -10.75 -2.78
C VAL A 456 23.05 -11.71 -3.71
N ASP A 457 24.31 -12.04 -3.37
CA ASP A 457 25.16 -12.88 -4.19
C ASP A 457 25.60 -14.15 -3.49
N SER A 458 26.54 -14.83 -4.16
CA SER A 458 27.31 -15.99 -3.73
C SER A 458 28.40 -15.41 -2.82
N ARG A 459 28.68 -14.11 -3.01
CA ARG A 459 29.67 -13.34 -2.28
C ARG A 459 29.06 -12.24 -1.37
N THR A 460 28.20 -11.34 -1.90
CA THR A 460 27.64 -10.22 -1.11
C THR A 460 26.25 -10.47 -0.45
N TYR A 461 25.97 -9.70 0.66
CA TYR A 461 24.76 -9.67 1.53
C TYR A 461 24.33 -8.19 1.73
N LEU A 462 23.02 -7.91 2.03
CA LEU A 462 22.59 -6.52 2.27
C LEU A 462 21.59 -6.39 3.42
N LEU A 463 21.81 -5.38 4.30
CA LEU A 463 20.93 -5.08 5.42
C LEU A 463 19.83 -4.12 4.96
N ASP A 464 18.57 -4.51 5.18
CA ASP A 464 17.38 -3.76 4.80
C ASP A 464 16.70 -3.06 5.98
N PHE A 465 16.14 -1.85 5.75
CA PHE A 465 15.48 -1.04 6.77
C PHE A 465 14.01 -0.78 6.41
N ARG A 466 13.08 -1.27 7.24
CA ARG A 466 11.64 -1.11 7.05
C ARG A 466 11.01 -0.27 8.17
N SER A 467 10.10 0.67 7.80
CA SER A 467 9.40 1.58 8.72
C SER A 467 8.17 0.91 9.34
N ILE A 468 8.07 0.91 10.68
CA ILE A 468 6.95 0.34 11.43
C ILE A 468 6.02 1.44 11.94
N ASP A 469 4.73 1.40 11.56
CA ASP A 469 3.77 2.41 12.03
C ASP A 469 3.30 2.11 13.48
N ASP A 470 3.27 3.16 14.33
CA ASP A 470 2.92 3.10 15.77
C ASP A 470 1.50 2.61 16.05
N SER A 485 7.58 14.45 12.45
CA SER A 485 7.31 13.57 11.30
C SER A 485 7.81 12.12 11.47
N HIS A 486 6.91 11.16 11.32
CA HIS A 486 7.23 9.73 11.45
C HIS A 486 8.27 9.30 10.41
N THR A 487 8.05 9.68 9.14
CA THR A 487 8.89 9.35 8.00
C THR A 487 10.29 9.91 8.17
N ILE A 488 10.41 11.23 8.49
CA ILE A 488 11.71 11.90 8.65
C ILE A 488 12.46 11.34 9.84
N GLU A 489 11.75 11.07 10.94
CA GLU A 489 12.35 10.46 12.12
C GLU A 489 12.91 9.06 11.77
N PHE A 490 12.24 8.36 10.81
CA PHE A 490 12.68 7.06 10.31
C PHE A 490 13.99 7.22 9.55
N PHE A 491 14.07 8.22 8.65
CA PHE A 491 15.28 8.45 7.87
C PHE A 491 16.47 8.74 8.79
N GLU A 492 16.28 9.64 9.77
CA GLU A 492 17.32 10.02 10.73
C GLU A 492 17.85 8.79 11.47
N MET A 493 16.93 7.94 11.94
CA MET A 493 17.23 6.70 12.65
C MET A 493 18.22 5.87 11.81
N CYS A 494 17.82 5.49 10.57
CA CYS A 494 18.59 4.71 9.60
C CYS A 494 19.97 5.33 9.33
N ALA A 495 19.99 6.62 8.94
CA ALA A 495 21.18 7.38 8.59
C ALA A 495 22.32 7.21 9.56
N ASN A 496 22.05 7.42 10.87
CA ASN A 496 23.02 7.30 11.94
C ASN A 496 23.76 5.96 11.87
N LEU A 497 22.99 4.86 11.75
CA LEU A 497 23.49 3.49 11.63
C LEU A 497 24.44 3.31 10.44
N ILE A 498 24.14 3.98 9.29
CA ILE A 498 24.89 3.89 8.03
C ILE A 498 26.28 4.56 8.13
N LYS A 499 26.33 5.78 8.73
CA LYS A 499 27.57 6.55 8.90
C LYS A 499 28.65 5.78 9.68
N ILE A 500 28.25 4.62 10.25
CA ILE A 500 29.14 3.71 10.97
C ILE A 500 28.97 2.30 10.45
N LEU A 501 28.82 2.12 9.10
CA LEU A 501 28.68 0.79 8.50
C LEU A 501 29.21 0.65 7.05
N ALA A 502 29.36 -0.66 6.63
CA ALA A 502 29.97 -1.25 5.41
C ALA A 502 29.10 -1.30 4.14
N GLN A 503 29.48 -0.46 3.13
CA GLN A 503 28.92 -0.27 1.78
C GLN A 503 27.39 -0.10 1.74
N PRO B 13 -25.94 -23.16 21.74
CA PRO B 13 -25.87 -24.61 21.56
C PRO B 13 -24.54 -25.21 22.01
N THR B 14 -24.59 -26.40 22.61
CA THR B 14 -23.44 -27.14 23.15
C THR B 14 -23.29 -28.47 22.41
N VAL B 15 -22.05 -28.84 22.09
CA VAL B 15 -21.75 -30.10 21.38
C VAL B 15 -21.37 -31.19 22.38
N PHE B 16 -22.08 -32.35 22.35
CA PHE B 16 -21.80 -33.49 23.23
C PHE B 16 -21.35 -34.62 22.35
N ARG B 17 -20.04 -34.97 22.43
CA ARG B 17 -19.48 -35.97 21.52
C ARG B 17 -18.76 -37.12 22.19
N TRP B 18 -19.21 -38.35 21.87
CA TRP B 18 -18.59 -39.58 22.37
C TRP B 18 -17.64 -40.13 21.32
N THR B 19 -16.37 -40.33 21.74
CA THR B 19 -15.34 -40.83 20.85
C THR B 19 -14.91 -42.24 21.23
N GLY B 20 -15.59 -43.16 20.60
CA GLY B 20 -15.35 -44.58 20.73
C GLY B 20 -16.36 -45.28 19.88
N GLY B 21 -16.36 -46.60 19.95
CA GLY B 21 -17.31 -47.44 19.23
C GLY B 21 -18.52 -47.72 20.08
N GLY B 22 -19.50 -48.40 19.50
CA GLY B 22 -20.73 -48.77 20.18
C GLY B 22 -21.92 -48.96 19.29
N LYS B 23 -22.80 -49.87 19.70
CA LYS B 23 -24.04 -50.16 19.00
C LYS B 23 -25.11 -49.13 19.36
N GLU B 24 -25.17 -48.70 20.64
CA GLU B 24 -26.12 -47.66 21.08
C GLU B 24 -25.53 -46.82 22.24
N VAL B 25 -25.39 -45.51 21.99
CA VAL B 25 -24.80 -44.53 22.91
C VAL B 25 -25.85 -43.45 23.23
N TYR B 26 -26.07 -43.16 24.53
CA TYR B 26 -27.03 -42.15 25.01
C TYR B 26 -26.37 -41.12 25.92
N LEU B 27 -26.96 -39.93 25.94
CA LEU B 27 -26.50 -38.82 26.76
C LEU B 27 -27.58 -38.48 27.78
N SER B 28 -27.25 -38.66 29.05
CA SER B 28 -28.15 -38.37 30.15
C SER B 28 -27.54 -37.22 30.94
N GLY B 29 -28.36 -36.24 31.31
CA GLY B 29 -27.84 -35.07 32.01
C GLY B 29 -28.86 -34.35 32.86
N SER B 30 -28.40 -33.35 33.62
CA SER B 30 -29.27 -32.56 34.48
C SER B 30 -30.32 -31.82 33.63
N PHE B 31 -29.86 -31.22 32.50
CA PHE B 31 -30.61 -30.49 31.48
C PHE B 31 -31.70 -31.29 30.76
N ASN B 32 -31.87 -32.59 31.05
CA ASN B 32 -32.92 -33.42 30.46
C ASN B 32 -33.49 -34.42 31.49
N ASN B 33 -33.48 -34.02 32.78
CA ASN B 33 -33.96 -34.81 33.92
C ASN B 33 -33.45 -36.25 33.84
N TRP B 34 -32.18 -36.35 33.43
CA TRP B 34 -31.43 -37.58 33.34
C TRP B 34 -32.11 -38.64 32.42
N SER B 35 -32.84 -38.15 31.41
CA SER B 35 -33.46 -39.05 30.45
C SER B 35 -32.43 -39.42 29.36
N LYS B 36 -32.42 -40.69 28.91
CA LYS B 36 -31.48 -41.19 27.91
C LYS B 36 -31.74 -40.67 26.48
N LEU B 37 -31.25 -39.47 26.17
CA LEU B 37 -31.34 -38.90 24.83
C LEU B 37 -30.29 -39.65 23.94
N PRO B 38 -30.64 -40.18 22.75
CA PRO B 38 -29.62 -40.90 21.97
C PRO B 38 -28.69 -40.00 21.16
N LEU B 39 -27.46 -40.48 20.92
CA LEU B 39 -26.44 -39.80 20.12
C LEU B 39 -26.29 -40.53 18.79
N THR B 40 -26.29 -39.77 17.69
CA THR B 40 -26.16 -40.26 16.31
C THR B 40 -24.69 -40.51 15.99
N ARG B 41 -24.39 -41.65 15.33
CA ARG B 41 -23.01 -42.01 14.98
C ARG B 41 -22.62 -41.61 13.59
N ASP B 42 -21.38 -41.11 13.45
CA ASP B 42 -20.76 -40.77 12.17
C ASP B 42 -19.71 -41.86 11.87
N GLN B 43 -18.66 -41.96 12.72
CA GLN B 43 -17.63 -42.95 12.52
C GLN B 43 -17.38 -43.65 13.86
N ASN B 44 -16.60 -42.99 14.71
CA ASN B 44 -16.26 -43.36 16.07
C ASN B 44 -16.69 -42.13 16.91
N ASN B 45 -17.47 -41.22 16.24
CA ASN B 45 -18.02 -39.96 16.74
C ASN B 45 -19.56 -40.01 16.84
N PHE B 46 -20.05 -40.05 18.10
CA PHE B 46 -21.46 -40.04 18.47
C PHE B 46 -21.80 -38.68 18.98
N VAL B 47 -22.70 -37.98 18.29
CA VAL B 47 -23.02 -36.61 18.64
C VAL B 47 -24.48 -36.31 18.76
N ALA B 48 -24.75 -35.28 19.54
CA ALA B 48 -26.00 -34.58 19.71
C ALA B 48 -25.58 -33.20 20.14
N ILE B 49 -26.14 -32.18 19.46
CA ILE B 49 -25.92 -30.77 19.73
C ILE B 49 -27.23 -30.27 20.34
N LEU B 50 -27.17 -29.45 21.42
CA LEU B 50 -28.37 -28.90 22.08
C LEU B 50 -28.05 -27.57 22.81
N ASP B 51 -28.98 -26.57 22.88
CA ASP B 51 -28.67 -25.33 23.63
C ASP B 51 -28.91 -25.53 25.12
N LEU B 52 -27.98 -25.04 25.92
CA LEU B 52 -28.05 -25.16 27.38
C LEU B 52 -28.06 -23.78 28.03
N PRO B 53 -28.86 -23.59 29.09
CA PRO B 53 -28.82 -22.29 29.76
C PRO B 53 -27.48 -22.05 30.45
N GLU B 54 -26.61 -21.21 29.82
CA GLU B 54 -25.29 -20.77 30.30
C GLU B 54 -25.19 -20.80 31.83
N GLY B 55 -24.63 -21.89 32.33
CA GLY B 55 -24.48 -22.18 33.75
C GLY B 55 -23.90 -23.55 33.98
N GLU B 56 -24.22 -24.16 35.12
CA GLU B 56 -23.68 -25.48 35.42
C GLU B 56 -24.61 -26.63 35.05
N HIS B 57 -24.06 -27.64 34.33
CA HIS B 57 -24.78 -28.83 33.94
C HIS B 57 -23.92 -30.07 34.13
N GLN B 58 -24.53 -31.14 34.65
CA GLN B 58 -23.87 -32.41 34.87
C GLN B 58 -24.45 -33.40 33.91
N TYR B 59 -23.59 -34.23 33.34
CA TYR B 59 -24.00 -35.23 32.37
C TYR B 59 -23.23 -36.52 32.54
N LYS B 60 -23.69 -37.57 31.86
CA LYS B 60 -23.12 -38.92 31.91
C LYS B 60 -23.48 -39.60 30.59
N PHE B 61 -22.79 -40.70 30.27
CA PHE B 61 -23.05 -41.42 29.03
C PHE B 61 -23.52 -42.84 29.27
N PHE B 62 -24.43 -43.32 28.40
CA PHE B 62 -24.87 -44.69 28.48
C PHE B 62 -24.33 -45.46 27.30
N VAL B 63 -23.00 -45.65 27.28
CA VAL B 63 -22.31 -46.32 26.18
C VAL B 63 -22.49 -47.81 26.24
N ASP B 64 -23.29 -48.36 25.32
CA ASP B 64 -23.56 -49.80 25.13
C ASP B 64 -23.75 -50.63 26.40
N GLY B 65 -24.76 -50.24 27.18
CA GLY B 65 -25.18 -50.92 28.41
C GLY B 65 -24.31 -50.67 29.64
N GLN B 66 -23.46 -49.63 29.59
CA GLN B 66 -22.55 -49.22 30.65
C GLN B 66 -22.64 -47.73 30.86
N TRP B 67 -22.74 -47.33 32.13
CA TRP B 67 -22.81 -45.92 32.48
C TRP B 67 -21.37 -45.46 32.68
N THR B 68 -20.94 -44.44 31.93
CA THR B 68 -19.57 -43.89 31.98
C THR B 68 -19.60 -42.40 31.86
N HIS B 69 -18.44 -41.77 32.09
CA HIS B 69 -18.26 -40.35 31.81
C HIS B 69 -17.16 -40.30 30.75
N ASP B 70 -16.94 -39.13 30.15
CA ASP B 70 -15.84 -38.91 29.20
C ASP B 70 -14.61 -38.58 30.08
N PRO B 71 -13.63 -39.50 30.17
CA PRO B 71 -12.49 -39.28 31.07
C PRO B 71 -11.67 -38.03 30.79
N SER B 72 -11.60 -37.62 29.51
CA SER B 72 -10.90 -36.43 29.02
C SER B 72 -11.56 -35.12 29.48
N GLU B 73 -12.89 -35.15 29.61
CA GLU B 73 -13.71 -34.03 30.06
C GLU B 73 -13.71 -33.89 31.59
N PRO B 74 -13.97 -32.67 32.13
CA PRO B 74 -13.93 -32.46 33.60
C PRO B 74 -15.01 -33.18 34.40
N ILE B 75 -14.62 -33.78 35.51
CA ILE B 75 -15.58 -34.53 36.30
C ILE B 75 -15.93 -33.83 37.61
N VAL B 76 -16.83 -34.47 38.37
CA VAL B 76 -17.33 -34.07 39.69
C VAL B 76 -17.73 -35.36 40.41
N THR B 77 -17.11 -35.60 41.57
CA THR B 77 -17.37 -36.76 42.42
C THR B 77 -18.35 -36.36 43.55
N SER B 78 -19.45 -37.13 43.69
CA SER B 78 -20.48 -36.84 44.68
C SER B 78 -20.19 -37.41 46.04
N GLN B 79 -20.84 -36.79 47.04
CA GLN B 79 -20.82 -37.15 48.46
C GLN B 79 -21.25 -38.66 48.59
N LEU B 80 -21.98 -39.17 47.53
CA LEU B 80 -22.56 -40.50 47.38
C LEU B 80 -21.77 -41.39 46.41
N GLY B 81 -20.62 -40.88 45.97
CA GLY B 81 -19.71 -41.58 45.09
C GLY B 81 -19.99 -41.47 43.61
N THR B 82 -21.07 -40.74 43.23
CA THR B 82 -21.53 -40.50 41.86
C THR B 82 -20.46 -39.75 41.06
N VAL B 83 -19.94 -40.34 39.95
CA VAL B 83 -18.92 -39.63 39.17
C VAL B 83 -19.47 -39.18 37.84
N ASN B 84 -19.79 -37.89 37.75
CA ASN B 84 -20.35 -37.28 36.53
C ASN B 84 -19.43 -36.28 35.84
N ASN B 85 -19.68 -36.03 34.56
CA ASN B 85 -18.95 -34.98 33.87
C ASN B 85 -19.61 -33.67 34.24
N ILE B 86 -18.92 -32.56 34.00
CA ILE B 86 -19.40 -31.23 34.30
C ILE B 86 -19.13 -30.27 33.12
N ILE B 87 -20.05 -29.34 32.89
CA ILE B 87 -19.92 -28.37 31.82
C ILE B 87 -20.36 -27.01 32.31
N GLN B 88 -19.41 -26.08 32.27
CA GLN B 88 -19.62 -24.67 32.61
C GLN B 88 -19.76 -23.93 31.29
N VAL B 89 -21.02 -23.76 30.85
CA VAL B 89 -21.27 -23.06 29.60
C VAL B 89 -21.18 -21.55 29.89
N LYS B 90 -20.16 -20.92 29.25
CA LYS B 90 -19.76 -19.52 29.33
C LYS B 90 -20.41 -18.66 28.23
N LYS B 91 -20.59 -17.35 28.48
CA LYS B 91 -21.15 -16.42 27.49
C LYS B 91 -20.14 -16.19 26.36
N THR B 92 -18.84 -16.17 26.73
CA THR B 92 -17.67 -15.99 25.87
C THR B 92 -17.51 -17.16 24.86
N ASP B 93 -18.06 -18.36 25.18
CA ASP B 93 -18.03 -19.56 24.34
C ASP B 93 -18.92 -19.44 23.10
N PHE B 94 -19.97 -18.58 23.14
CA PHE B 94 -20.94 -18.41 22.05
C PHE B 94 -20.59 -17.27 21.01
N GLU B 95 -19.81 -16.24 21.43
CA GLU B 95 -19.39 -15.14 20.54
C GLU B 95 -18.02 -15.49 19.96
N VAL B 96 -18.00 -15.83 18.65
CA VAL B 96 -16.87 -16.29 17.83
C VAL B 96 -15.53 -15.60 18.11
N PHE B 97 -15.53 -14.26 18.09
CA PHE B 97 -14.29 -13.52 18.26
C PHE B 97 -13.84 -13.49 19.68
N ASP B 98 -14.80 -13.62 20.67
CA ASP B 98 -14.55 -13.69 22.12
C ASP B 98 -13.87 -15.06 22.40
N ALA B 99 -14.49 -16.14 21.86
CA ALA B 99 -14.07 -17.53 21.95
C ALA B 99 -12.68 -17.73 21.37
N LEU B 100 -12.41 -17.19 20.17
CA LEU B 100 -11.10 -17.28 19.52
C LEU B 100 -10.02 -16.55 20.34
N MET B 101 -10.38 -15.41 20.92
CA MET B 101 -9.50 -14.59 21.73
C MET B 101 -9.18 -15.28 23.06
N VAL B 102 -10.17 -15.97 23.69
CA VAL B 102 -9.95 -16.70 24.95
C VAL B 102 -9.05 -17.94 24.69
N ASP B 103 -9.19 -18.54 23.49
CA ASP B 103 -8.48 -19.71 22.97
C ASP B 103 -6.98 -19.48 22.80
N SER B 104 -6.61 -18.27 22.34
CA SER B 104 -5.21 -17.88 22.13
C SER B 104 -4.55 -17.46 23.46
N GLN B 105 -4.71 -18.33 24.49
CA GLN B 105 -4.23 -18.20 25.88
C GLN B 105 -4.21 -19.59 26.58
N LYS B 135 20.87 -21.30 11.21
CA LYS B 135 20.15 -20.69 10.09
C LYS B 135 21.09 -19.88 9.18
N ALA B 136 20.62 -19.61 7.95
CA ALA B 136 21.30 -18.79 6.94
C ALA B 136 20.35 -17.62 6.51
N PRO B 137 20.86 -16.49 5.99
CA PRO B 137 19.95 -15.38 5.66
C PRO B 137 19.08 -15.61 4.41
N PRO B 138 17.84 -15.03 4.35
CA PRO B 138 17.01 -15.19 3.15
C PRO B 138 17.64 -14.65 1.88
N ILE B 139 17.13 -15.05 0.72
CA ILE B 139 17.64 -14.50 -0.54
C ILE B 139 16.77 -13.29 -0.86
N LEU B 140 17.40 -12.19 -1.31
CA LEU B 140 16.69 -10.94 -1.57
C LEU B 140 15.63 -11.08 -2.64
N PRO B 141 14.33 -10.86 -2.28
CA PRO B 141 13.24 -10.95 -3.27
C PRO B 141 13.42 -9.91 -4.38
N PRO B 142 13.33 -10.28 -5.69
CA PRO B 142 13.61 -9.31 -6.76
C PRO B 142 12.80 -8.03 -6.76
N HIS B 143 11.63 -8.08 -6.10
CA HIS B 143 10.64 -7.04 -5.89
C HIS B 143 11.26 -5.80 -5.30
N LEU B 144 12.14 -5.97 -4.32
CA LEU B 144 12.81 -4.87 -3.65
C LEU B 144 13.82 -4.13 -4.54
N LEU B 145 13.98 -4.55 -5.79
CA LEU B 145 14.87 -3.87 -6.73
C LEU B 145 14.06 -3.07 -7.76
N GLN B 146 12.73 -3.29 -7.77
CA GLN B 146 11.79 -2.57 -8.62
C GLN B 146 11.39 -1.26 -7.94
N VAL B 147 11.98 -0.15 -8.40
CA VAL B 147 11.77 1.20 -7.87
C VAL B 147 10.77 2.01 -8.74
N ILE B 148 10.47 3.26 -8.32
CA ILE B 148 9.56 4.17 -9.03
C ILE B 148 10.24 5.53 -9.39
N LEU B 149 11.35 5.89 -8.70
CA LEU B 149 12.07 7.14 -8.92
C LEU B 149 12.88 7.18 -10.21
N ASN B 150 13.60 6.07 -10.51
CA ASN B 150 14.41 5.96 -11.74
C ASN B 150 13.49 5.72 -12.95
N LYS B 151 12.61 4.70 -12.82
CA LYS B 151 11.61 4.27 -13.81
C LYS B 151 10.36 5.15 -13.76
N SER B 156 8.28 16.74 -20.84
CA SER B 156 7.13 15.97 -21.32
C SER B 156 6.07 15.76 -20.23
N CYS B 157 6.45 15.07 -19.13
CA CYS B 157 5.60 14.75 -17.98
C CYS B 157 6.07 15.46 -16.69
N ASP B 158 5.28 15.33 -15.57
CA ASP B 158 5.58 15.97 -14.27
C ASP B 158 6.70 15.25 -13.48
N PRO B 159 7.77 16.00 -13.07
CA PRO B 159 8.86 15.36 -12.30
C PRO B 159 8.43 14.97 -10.88
N ALA B 160 7.40 15.66 -10.37
CA ALA B 160 6.80 15.46 -9.05
C ALA B 160 5.95 14.23 -9.05
N LEU B 161 5.39 13.84 -10.21
CA LEU B 161 4.55 12.65 -10.29
C LEU B 161 5.37 11.37 -10.42
N LEU B 162 4.83 10.25 -9.93
CA LEU B 162 5.51 8.95 -9.93
C LEU B 162 4.60 7.76 -10.25
N PRO B 163 5.16 6.59 -10.68
CA PRO B 163 4.31 5.40 -10.88
C PRO B 163 3.81 4.86 -9.55
N GLU B 164 2.68 4.15 -9.55
CA GLU B 164 2.12 3.57 -8.34
C GLU B 164 3.03 2.40 -7.84
N PRO B 165 3.37 2.32 -6.53
CA PRO B 165 4.28 1.24 -6.07
C PRO B 165 3.62 -0.09 -5.69
N ASN B 166 4.42 -1.19 -5.68
CA ASN B 166 3.93 -2.49 -5.24
C ASN B 166 3.99 -2.46 -3.73
N HIS B 167 2.87 -2.81 -3.05
CA HIS B 167 2.76 -2.82 -1.59
C HIS B 167 4.02 -3.27 -0.87
N VAL B 168 4.67 -4.29 -1.43
CA VAL B 168 5.84 -4.96 -0.95
C VAL B 168 7.08 -4.08 -0.78
N MET B 169 7.20 -2.99 -1.56
CA MET B 169 8.39 -2.12 -1.46
C MET B 169 8.12 -0.83 -0.64
N LEU B 170 6.91 -0.70 -0.06
CA LEU B 170 6.56 0.45 0.79
C LEU B 170 7.28 0.34 2.11
N ASN B 171 7.64 1.47 2.74
CA ASN B 171 8.33 1.54 4.03
C ASN B 171 9.80 1.05 4.00
N HIS B 172 10.35 0.67 2.84
CA HIS B 172 11.76 0.25 2.77
C HIS B 172 12.65 1.43 2.48
N LEU B 173 13.80 1.52 3.17
CA LEU B 173 14.74 2.61 2.96
C LEU B 173 15.67 2.30 1.80
N TYR B 174 15.75 3.28 0.88
CA TYR B 174 16.58 3.32 -0.32
C TYR B 174 17.43 4.59 -0.19
N ALA B 175 18.65 4.58 -0.71
CA ALA B 175 19.54 5.73 -0.58
C ALA B 175 20.53 5.85 -1.72
N LEU B 176 20.86 7.10 -2.07
CA LEU B 176 21.86 7.41 -3.08
C LEU B 176 23.20 7.54 -2.41
N SER B 177 24.27 7.14 -3.13
CA SER B 177 25.66 7.15 -2.67
C SER B 177 26.02 8.51 -2.09
N ILE B 178 26.75 8.53 -0.94
CA ILE B 178 27.14 9.79 -0.33
C ILE B 178 28.14 10.52 -1.23
N LYS B 179 27.62 11.49 -1.99
CA LYS B 179 28.41 12.30 -2.92
C LYS B 179 28.53 13.72 -2.36
N ASP B 180 29.77 14.19 -2.13
CA ASP B 180 30.09 15.51 -1.58
C ASP B 180 29.61 15.65 -0.12
N GLY B 181 29.90 14.62 0.67
CA GLY B 181 29.61 14.54 2.11
C GLY B 181 28.18 14.79 2.53
N VAL B 182 27.23 14.47 1.64
CA VAL B 182 25.80 14.61 1.89
C VAL B 182 25.07 13.32 1.43
N MET B 183 24.14 12.87 2.26
CA MET B 183 23.36 11.66 2.14
C MET B 183 21.95 11.94 1.61
N VAL B 184 21.49 11.14 0.64
CA VAL B 184 20.13 11.27 0.11
C VAL B 184 19.40 10.02 0.55
N LEU B 185 18.41 10.17 1.39
CA LEU B 185 17.65 9.01 1.84
C LEU B 185 16.30 9.10 1.21
N SER B 186 15.64 7.94 1.00
CA SER B 186 14.32 7.90 0.35
C SER B 186 13.47 6.69 0.71
N ALA B 187 12.14 6.90 0.82
CA ALA B 187 11.13 5.85 1.05
C ALA B 187 9.72 6.25 0.60
N THR B 188 9.00 5.26 0.01
CA THR B 188 7.62 5.39 -0.43
C THR B 188 6.70 4.88 0.66
N HIS B 189 5.74 5.70 1.06
CA HIS B 189 4.80 5.39 2.12
C HIS B 189 3.40 5.70 1.65
N ARG B 190 2.38 5.06 2.27
CA ARG B 190 1.01 5.38 1.90
C ARG B 190 0.21 6.02 3.03
N TYR B 191 -0.45 7.15 2.69
CA TYR B 191 -1.40 7.87 3.53
C TYR B 191 -2.75 7.68 2.83
N LYS B 192 -3.61 6.85 3.44
CA LYS B 192 -4.92 6.46 2.93
C LYS B 192 -4.75 5.71 1.57
N LYS B 193 -5.43 6.15 0.49
CA LYS B 193 -5.37 5.49 -0.82
C LYS B 193 -4.38 6.23 -1.76
N LYS B 194 -3.46 7.01 -1.14
CA LYS B 194 -2.46 7.82 -1.84
C LYS B 194 -1.06 7.51 -1.32
N TYR B 195 -0.02 7.69 -2.16
CA TYR B 195 1.39 7.43 -1.85
C TYR B 195 2.25 8.68 -1.93
N VAL B 196 3.28 8.76 -1.06
CA VAL B 196 4.25 9.85 -0.98
C VAL B 196 5.67 9.29 -0.88
N THR B 197 6.53 9.64 -1.87
CA THR B 197 7.92 9.20 -1.86
C THR B 197 8.75 10.39 -1.39
N THR B 198 9.28 10.27 -0.17
CA THR B 198 10.02 11.34 0.51
C THR B 198 11.52 11.21 0.34
N LEU B 199 12.19 12.30 -0.03
CA LEU B 199 13.64 12.33 -0.17
C LEU B 199 14.20 13.27 0.87
N LEU B 200 15.18 12.80 1.64
CA LEU B 200 15.78 13.67 2.62
C LEU B 200 17.23 13.99 2.28
N TYR B 201 17.51 15.27 2.02
CA TYR B 201 18.87 15.75 1.76
C TYR B 201 19.43 16.09 3.12
N LYS B 202 20.21 15.16 3.63
CA LYS B 202 20.82 15.25 4.95
C LYS B 202 22.34 15.20 4.85
N PRO B 203 23.07 16.18 5.36
CA PRO B 203 24.54 16.06 5.36
C PRO B 203 25.01 15.07 6.44
N ILE B 204 26.30 14.67 6.36
CA ILE B 204 26.96 13.74 7.30
C ILE B 204 28.43 14.17 7.52
N TYR C 28 -19.83 28.60 -5.86
CA TYR C 28 -18.39 28.43 -6.10
C TYR C 28 -17.60 28.24 -4.80
N THR C 29 -17.72 29.22 -3.88
CA THR C 29 -17.06 29.22 -2.56
C THR C 29 -17.60 28.07 -1.70
N THR C 30 -18.90 27.74 -1.89
CA THR C 30 -19.63 26.65 -1.23
C THR C 30 -18.93 25.31 -1.52
N PHE C 31 -18.47 25.13 -2.78
CA PHE C 31 -17.75 23.96 -3.28
C PHE C 31 -16.44 23.79 -2.52
N MET C 32 -15.72 24.91 -2.31
CA MET C 32 -14.43 24.97 -1.62
C MET C 32 -14.52 24.65 -0.13
N LYS C 33 -15.62 25.06 0.52
CA LYS C 33 -15.82 24.82 1.95
C LYS C 33 -16.10 23.36 2.30
N SER C 34 -16.60 22.57 1.32
CA SER C 34 -16.95 21.15 1.47
C SER C 34 -15.77 20.20 1.19
N HIS C 35 -15.13 20.35 0.01
CA HIS C 35 -14.01 19.53 -0.48
C HIS C 35 -12.74 19.63 0.37
N ARG C 36 -12.24 18.46 0.81
CA ARG C 36 -11.04 18.34 1.64
C ARG C 36 -9.77 18.40 0.78
N CYS C 37 -8.65 18.83 1.41
CA CYS C 37 -7.34 18.97 0.77
C CYS C 37 -6.86 17.68 0.14
N TYR C 38 -7.08 16.54 0.84
CA TYR C 38 -6.72 15.20 0.41
C TYR C 38 -7.19 14.90 -1.02
N ASP C 39 -8.46 15.25 -1.33
CA ASP C 39 -9.07 15.03 -2.64
C ASP C 39 -8.17 15.54 -3.78
N LEU C 40 -7.43 16.63 -3.51
CA LEU C 40 -6.52 17.23 -4.48
C LEU C 40 -5.11 16.60 -4.54
N ILE C 41 -4.70 15.86 -3.49
CA ILE C 41 -3.39 15.18 -3.48
C ILE C 41 -3.35 14.11 -4.60
N PRO C 42 -2.31 14.07 -5.47
CA PRO C 42 -2.25 13.04 -6.52
C PRO C 42 -1.86 11.67 -5.96
N THR C 43 -2.31 10.62 -6.65
CA THR C 43 -2.14 9.21 -6.31
C THR C 43 -0.68 8.86 -5.92
N SER C 44 0.33 9.23 -6.74
CA SER C 44 1.72 8.99 -6.37
C SER C 44 2.61 10.19 -6.67
N SER C 45 3.04 10.90 -5.60
CA SER C 45 3.87 12.08 -5.75
C SER C 45 5.25 11.93 -5.11
N LYS C 46 6.14 12.90 -5.40
CA LYS C 46 7.51 13.05 -4.91
C LYS C 46 7.55 14.28 -3.99
N LEU C 47 8.35 14.20 -2.92
CA LEU C 47 8.48 15.27 -1.95
C LEU C 47 9.92 15.38 -1.52
N VAL C 48 10.52 16.58 -1.65
CA VAL C 48 11.91 16.78 -1.26
C VAL C 48 12.01 17.59 0.00
N VAL C 49 12.66 17.03 1.03
CA VAL C 49 12.87 17.68 2.33
C VAL C 49 14.35 17.93 2.54
N PHE C 50 14.69 19.16 2.90
CA PHE C 50 16.07 19.52 3.16
C PHE C 50 16.24 19.72 4.64
N ASP C 51 17.34 19.20 5.20
CA ASP C 51 17.69 19.44 6.61
C ASP C 51 18.32 20.85 6.61
N THR C 52 17.92 21.72 7.54
CA THR C 52 18.46 23.09 7.63
C THR C 52 20.02 23.13 7.69
N SER C 53 20.65 22.02 8.11
CA SER C 53 22.11 21.86 8.19
C SER C 53 22.78 21.73 6.78
N LEU C 54 21.98 21.48 5.73
CA LEU C 54 22.49 21.35 4.36
C LEU C 54 22.98 22.70 3.85
N GLN C 55 24.11 22.69 3.13
CA GLN C 55 24.64 23.92 2.53
C GLN C 55 23.61 24.40 1.48
N VAL C 56 23.31 25.70 1.47
CA VAL C 56 22.26 26.31 0.67
C VAL C 56 22.42 26.13 -0.87
N LYS C 57 23.68 26.14 -1.41
CA LYS C 57 23.87 25.97 -2.86
C LYS C 57 23.38 24.57 -3.30
N LYS C 58 23.74 23.52 -2.49
CA LYS C 58 23.37 22.11 -2.65
C LYS C 58 21.85 21.97 -2.66
N ALA C 59 21.17 22.82 -1.87
CA ALA C 59 19.73 22.87 -1.76
C ALA C 59 19.11 23.30 -3.09
N PHE C 60 19.45 24.50 -3.59
CA PHE C 60 18.91 24.99 -4.87
C PHE C 60 19.22 24.08 -6.04
N PHE C 61 20.40 23.46 -6.02
CA PHE C 61 20.83 22.52 -7.05
C PHE C 61 19.95 21.27 -6.99
N ALA C 62 19.57 20.83 -5.77
CA ALA C 62 18.67 19.69 -5.57
C ALA C 62 17.24 20.03 -6.00
N LEU C 63 16.83 21.31 -5.89
CA LEU C 63 15.48 21.68 -6.35
C LEU C 63 15.44 21.39 -7.85
N VAL C 64 16.43 21.92 -8.58
CA VAL C 64 16.63 21.77 -10.02
C VAL C 64 16.75 20.29 -10.39
N THR C 65 17.67 19.54 -9.74
CA THR C 65 17.85 18.14 -10.08
C THR C 65 16.59 17.32 -9.87
N ASN C 66 15.80 17.62 -8.83
CA ASN C 66 14.59 16.82 -8.59
C ASN C 66 13.36 17.30 -9.36
N GLY C 67 13.44 18.48 -9.95
CA GLY C 67 12.35 19.06 -10.73
C GLY C 67 11.22 19.53 -9.83
N VAL C 68 11.56 20.36 -8.85
CA VAL C 68 10.65 20.88 -7.84
C VAL C 68 10.91 22.37 -7.58
N ARG C 69 9.82 23.16 -7.41
CA ARG C 69 9.89 24.60 -7.17
C ARG C 69 10.00 24.99 -5.68
N ALA C 70 9.68 24.05 -4.75
CA ALA C 70 9.73 24.32 -3.31
C ALA C 70 9.87 23.07 -2.46
N ALA C 71 10.79 23.08 -1.50
CA ALA C 71 11.04 21.94 -0.61
C ALA C 71 10.96 22.27 0.89
N PRO C 72 10.21 21.47 1.70
CA PRO C 72 10.14 21.78 3.14
C PRO C 72 11.48 21.62 3.85
N LEU C 73 11.63 22.36 4.94
CA LEU C 73 12.86 22.34 5.72
C LEU C 73 12.62 21.75 7.09
N TRP C 74 13.44 20.76 7.45
CA TRP C 74 13.42 20.05 8.74
C TRP C 74 14.57 20.55 9.63
N ASP C 75 14.25 20.96 10.89
CA ASP C 75 15.27 21.37 11.85
C ASP C 75 15.46 20.15 12.72
N SER C 76 16.62 19.52 12.58
CA SER C 76 16.95 18.28 13.28
C SER C 76 16.98 18.47 14.78
N LYS C 77 17.55 19.59 15.25
CA LYS C 77 17.64 19.92 16.68
C LYS C 77 16.25 20.24 17.25
N LYS C 78 15.42 20.98 16.48
CA LYS C 78 14.05 21.35 16.87
C LYS C 78 13.03 20.20 16.67
N GLN C 79 13.41 19.15 15.89
CA GLN C 79 12.64 17.95 15.54
C GLN C 79 11.26 18.26 14.94
N SER C 80 11.24 19.20 13.95
CA SER C 80 10.03 19.64 13.25
C SER C 80 10.36 20.45 12.02
N PHE C 81 9.40 20.57 11.10
CA PHE C 81 9.53 21.38 9.88
C PHE C 81 9.44 22.85 10.25
N VAL C 82 10.52 23.62 9.99
CA VAL C 82 10.59 25.04 10.34
C VAL C 82 10.10 25.97 9.21
N GLY C 83 10.25 25.53 7.97
CA GLY C 83 9.84 26.33 6.83
C GLY C 83 9.89 25.66 5.47
N MET C 84 9.91 26.51 4.44
CA MET C 84 9.91 26.09 3.05
C MET C 84 10.97 26.83 2.27
N LEU C 85 11.85 26.10 1.56
CA LEU C 85 12.86 26.76 0.73
C LEU C 85 12.22 26.92 -0.65
N THR C 86 12.32 28.12 -1.22
CA THR C 86 11.71 28.44 -2.51
C THR C 86 12.71 29.18 -3.42
N ILE C 87 12.30 29.54 -4.66
CA ILE C 87 13.11 30.29 -5.63
C ILE C 87 13.29 31.71 -5.14
N THR C 88 12.37 32.23 -4.31
CA THR C 88 12.45 33.57 -3.70
C THR C 88 13.71 33.69 -2.85
N ASP C 89 14.03 32.61 -2.10
CA ASP C 89 15.22 32.50 -1.28
C ASP C 89 16.46 32.63 -2.17
N PHE C 90 16.41 32.02 -3.35
CA PHE C 90 17.49 32.09 -4.31
C PHE C 90 17.65 33.51 -4.82
N ILE C 91 16.53 34.14 -5.23
CA ILE C 91 16.49 35.51 -5.71
C ILE C 91 17.06 36.46 -4.63
N ASN C 92 16.70 36.21 -3.37
CA ASN C 92 17.14 36.99 -2.22
C ASN C 92 18.62 36.83 -1.92
N ILE C 93 19.16 35.59 -1.82
CA ILE C 93 20.61 35.38 -1.59
C ILE C 93 21.39 36.10 -2.70
N LEU C 94 21.04 35.79 -3.97
CA LEU C 94 21.65 36.36 -5.17
C LEU C 94 21.75 37.89 -5.07
N HIS C 95 20.62 38.59 -4.97
CA HIS C 95 20.56 40.03 -4.86
C HIS C 95 21.25 40.60 -3.61
N ARG C 96 20.99 40.00 -2.44
CA ARG C 96 21.57 40.42 -1.16
C ARG C 96 23.08 40.39 -1.20
N TYR C 97 23.65 39.30 -1.71
CA TYR C 97 25.07 39.05 -1.66
C TYR C 97 25.88 39.14 -2.96
N TYR C 98 25.29 39.53 -4.11
CA TYR C 98 26.07 39.63 -5.36
C TYR C 98 26.98 40.86 -5.34
N LYS C 99 28.27 40.67 -5.65
CA LYS C 99 29.21 41.78 -5.72
C LYS C 99 29.44 42.15 -7.21
N SER C 100 29.93 41.19 -8.01
CA SER C 100 30.13 41.37 -9.45
C SER C 100 30.42 40.01 -10.09
N ALA C 101 30.53 40.02 -11.43
CA ALA C 101 30.85 38.84 -12.22
C ALA C 101 32.31 38.38 -12.03
N LEU C 102 33.17 39.23 -11.42
CA LEU C 102 34.61 38.97 -11.14
C LEU C 102 34.88 38.24 -9.81
N VAL C 103 33.92 38.31 -8.84
CA VAL C 103 34.04 37.70 -7.51
C VAL C 103 33.00 36.60 -7.33
N GLN C 104 33.32 35.62 -6.46
CA GLN C 104 32.40 34.53 -6.15
C GLN C 104 31.39 35.04 -5.11
N ILE C 105 30.13 34.52 -5.16
CA ILE C 105 29.10 34.86 -4.17
C ILE C 105 29.43 33.96 -2.98
N TYR C 106 30.66 34.15 -2.40
CA TYR C 106 31.21 33.37 -1.29
C TYR C 106 30.09 32.93 -0.34
N GLU C 107 29.29 33.89 0.15
CA GLU C 107 28.13 33.67 1.02
C GLU C 107 27.31 32.45 0.58
N LEU C 108 26.66 32.49 -0.58
CA LEU C 108 25.88 31.38 -1.16
C LEU C 108 26.68 30.07 -1.27
N GLU C 109 27.95 30.18 -1.76
CA GLU C 109 28.84 29.05 -1.98
C GLU C 109 29.05 28.24 -0.71
N GLU C 110 29.28 28.91 0.42
CA GLU C 110 29.44 28.27 1.71
C GLU C 110 28.56 28.94 2.78
N HIS C 111 27.30 28.51 2.88
CA HIS C 111 26.28 29.02 3.80
C HIS C 111 25.27 27.92 3.94
N LYS C 112 24.91 27.54 5.18
CA LYS C 112 23.89 26.52 5.41
C LYS C 112 22.50 27.16 5.36
N ILE C 113 21.45 26.35 5.08
CA ILE C 113 20.05 26.82 5.02
C ILE C 113 19.67 27.57 6.33
N GLU C 114 20.17 27.08 7.49
CA GLU C 114 19.93 27.67 8.80
C GLU C 114 20.63 29.00 8.93
N THR C 115 21.90 29.09 8.49
CA THR C 115 22.70 30.32 8.56
C THR C 115 22.05 31.43 7.74
N TRP C 116 21.43 31.11 6.57
CA TRP C 116 20.76 32.13 5.77
C TRP C 116 19.39 32.51 6.34
N ARG C 117 18.58 31.52 6.78
CA ARG C 117 17.25 31.75 7.35
C ARG C 117 17.28 32.68 8.58
N GLU C 118 18.40 32.68 9.30
CA GLU C 118 18.59 33.54 10.47
C GLU C 118 18.97 34.97 10.06
N VAL C 119 19.65 35.12 8.91
CA VAL C 119 20.07 36.41 8.35
C VAL C 119 18.87 37.11 7.70
N TYR C 120 18.16 36.39 6.83
CA TYR C 120 16.97 36.80 6.09
C TYR C 120 15.83 37.17 7.01
N LEU C 121 15.71 36.47 8.15
CA LEU C 121 14.65 36.67 9.13
C LEU C 121 15.28 36.85 10.53
N GLN C 122 15.90 38.02 10.78
CA GLN C 122 16.56 38.32 12.06
C GLN C 122 15.56 38.57 13.21
N ASP C 123 15.30 39.87 13.55
CA ASP C 123 14.30 40.28 14.56
C ASP C 123 12.92 40.05 13.94
N SER C 124 12.84 40.16 12.59
CA SER C 124 11.66 39.93 11.75
C SER C 124 11.48 38.41 11.57
N PHE C 125 10.91 37.74 12.59
CA PHE C 125 10.70 36.28 12.60
C PHE C 125 9.34 35.83 12.02
N LYS C 126 9.34 34.65 11.33
CA LYS C 126 8.16 34.01 10.71
C LYS C 126 8.19 32.49 10.89
N PRO C 127 7.10 31.82 11.36
CA PRO C 127 7.16 30.35 11.56
C PRO C 127 6.88 29.53 10.29
N LEU C 128 5.96 28.53 10.38
CA LEU C 128 5.55 27.66 9.27
C LEU C 128 4.03 27.61 9.13
N VAL C 129 3.56 28.00 7.92
CA VAL C 129 2.14 28.00 7.57
C VAL C 129 1.85 26.65 6.90
N CYS C 130 0.92 25.88 7.44
CA CYS C 130 0.59 24.59 6.85
C CYS C 130 -0.86 24.18 7.07
N ILE C 131 -1.39 23.38 6.14
CA ILE C 131 -2.76 22.85 6.15
C ILE C 131 -2.75 21.33 6.44
N SER C 132 -3.93 20.80 6.79
CA SER C 132 -4.14 19.38 7.06
C SER C 132 -4.91 18.75 5.88
N PRO C 133 -4.76 17.43 5.57
CA PRO C 133 -5.53 16.86 4.46
C PRO C 133 -7.05 16.84 4.70
N ASN C 134 -7.46 16.69 5.99
CA ASN C 134 -8.88 16.65 6.39
C ASN C 134 -9.49 18.06 6.52
N ALA C 135 -8.66 19.11 6.39
CA ALA C 135 -9.11 20.50 6.38
C ALA C 135 -9.67 20.78 4.98
N SER C 136 -10.57 21.75 4.85
CA SER C 136 -11.20 22.08 3.56
C SER C 136 -10.30 22.89 2.62
N LEU C 137 -10.62 22.84 1.32
CA LEU C 137 -9.95 23.54 0.21
C LEU C 137 -10.02 25.03 0.43
N PHE C 138 -11.15 25.52 0.99
CA PHE C 138 -11.40 26.93 1.32
C PHE C 138 -10.31 27.43 2.27
N ASP C 139 -10.14 26.73 3.42
CA ASP C 139 -9.17 27.01 4.49
C ASP C 139 -7.76 27.22 3.96
N ALA C 140 -7.38 26.44 2.93
CA ALA C 140 -6.09 26.49 2.24
C ALA C 140 -5.96 27.76 1.38
N VAL C 141 -6.99 28.04 0.53
CA VAL C 141 -7.07 29.22 -0.37
C VAL C 141 -6.97 30.49 0.49
N SER C 142 -7.75 30.53 1.60
CA SER C 142 -7.76 31.61 2.58
C SER C 142 -6.35 31.81 3.15
N SER C 143 -5.68 30.71 3.58
CA SER C 143 -4.33 30.68 4.16
C SER C 143 -3.27 31.19 3.19
N LEU C 144 -3.40 30.85 1.89
CA LEU C 144 -2.47 31.29 0.85
C LEU C 144 -2.43 32.82 0.75
N ILE C 145 -3.62 33.44 0.76
CA ILE C 145 -3.83 34.88 0.67
C ILE C 145 -3.49 35.55 2.01
N ARG C 146 -4.00 34.99 3.13
CA ARG C 146 -3.80 35.41 4.53
C ARG C 146 -2.32 35.60 4.86
N ASN C 147 -1.48 34.64 4.43
CA ASN C 147 -0.06 34.64 4.70
C ASN C 147 0.79 35.11 3.52
N LYS C 148 0.11 35.42 2.38
CA LYS C 148 0.71 35.90 1.13
C LYS C 148 1.84 34.97 0.65
N ILE C 149 1.47 33.73 0.30
CA ILE C 149 2.36 32.65 -0.18
C ILE C 149 1.74 31.91 -1.37
N HIS C 150 2.59 31.36 -2.24
CA HIS C 150 2.11 30.65 -3.42
C HIS C 150 2.21 29.14 -3.29
N ARG C 151 3.01 28.66 -2.35
CA ARG C 151 3.15 27.23 -2.13
C ARG C 151 2.94 26.86 -0.67
N LEU C 152 2.06 25.89 -0.43
CA LEU C 152 1.74 25.49 0.94
C LEU C 152 1.84 23.98 1.11
N PRO C 153 2.34 23.56 2.26
CA PRO C 153 2.42 22.12 2.53
C PRO C 153 1.22 21.58 3.28
N VAL C 154 0.91 20.29 3.04
CA VAL C 154 -0.18 19.51 3.65
C VAL C 154 0.47 18.53 4.61
N ILE C 155 0.16 18.68 5.91
CA ILE C 155 0.72 17.83 6.96
C ILE C 155 -0.38 17.07 7.71
N ASP C 156 -0.30 15.72 7.70
CA ASP C 156 -1.25 14.88 8.43
C ASP C 156 -0.97 15.03 9.93
N PRO C 157 -1.95 15.43 10.75
CA PRO C 157 -1.71 15.61 12.19
C PRO C 157 -1.25 14.37 12.95
N GLU C 158 -1.75 13.18 12.57
CA GLU C 158 -1.42 11.88 13.20
C GLU C 158 0.05 11.51 13.02
N SER C 159 0.49 11.44 11.75
CA SER C 159 1.85 11.07 11.37
C SER C 159 2.83 12.21 11.60
N GLY C 160 2.40 13.42 11.21
CA GLY C 160 3.21 14.63 11.27
C GLY C 160 4.04 14.78 10.02
N ASN C 161 3.78 13.87 9.04
CA ASN C 161 4.49 13.78 7.76
C ASN C 161 3.94 14.76 6.78
N THR C 162 4.83 15.41 6.01
CA THR C 162 4.40 16.30 4.94
C THR C 162 4.01 15.38 3.79
N LEU C 163 2.83 15.60 3.22
CA LEU C 163 2.32 14.74 2.16
C LEU C 163 2.45 15.35 0.78
N TYR C 164 2.01 16.61 0.60
CA TYR C 164 2.03 17.27 -0.70
C TYR C 164 2.07 18.79 -0.54
N ILE C 165 2.51 19.51 -1.59
CA ILE C 165 2.58 20.98 -1.57
C ILE C 165 1.57 21.58 -2.58
N LEU C 166 0.56 22.28 -2.03
CA LEU C 166 -0.54 22.92 -2.73
C LEU C 166 -0.14 24.22 -3.41
N THR C 167 -0.20 24.18 -4.75
CA THR C 167 0.11 25.24 -5.70
C THR C 167 -1.23 25.75 -6.31
N HIS C 168 -1.39 27.08 -6.46
CA HIS C 168 -2.60 27.72 -7.01
C HIS C 168 -3.06 27.07 -8.32
N LYS C 169 -2.10 26.80 -9.26
CA LYS C 169 -2.35 26.17 -10.57
C LYS C 169 -3.21 24.90 -10.45
N ARG C 170 -2.89 24.05 -9.43
CA ARG C 170 -3.56 22.80 -9.09
C ARG C 170 -4.99 23.04 -8.58
N ILE C 171 -5.16 23.94 -7.58
CA ILE C 171 -6.46 24.29 -6.99
C ILE C 171 -7.43 24.76 -8.09
N LEU C 172 -6.91 25.61 -8.99
CA LEU C 172 -7.65 26.15 -10.12
C LEU C 172 -7.96 25.11 -11.19
N LYS C 173 -7.02 24.17 -11.48
CA LYS C 173 -7.20 23.13 -12.49
C LYS C 173 -8.35 22.23 -12.10
N PHE C 174 -8.46 21.93 -10.79
CA PHE C 174 -9.54 21.14 -10.22
C PHE C 174 -10.88 21.91 -10.35
N LEU C 175 -10.83 23.25 -10.18
CA LEU C 175 -11.99 24.12 -10.32
C LEU C 175 -12.44 24.17 -11.77
N LYS C 176 -11.50 24.18 -12.75
CA LYS C 176 -11.82 24.19 -14.19
C LYS C 176 -12.52 22.88 -14.59
N LEU C 177 -12.09 21.74 -13.98
CA LEU C 177 -12.71 20.42 -14.22
C LEU C 177 -14.14 20.36 -13.65
N PHE C 178 -14.39 21.14 -12.57
CA PHE C 178 -15.70 21.22 -11.91
C PHE C 178 -16.65 22.13 -12.70
N ILE C 179 -16.10 23.12 -13.44
CA ILE C 179 -16.97 24.02 -14.21
C ILE C 179 -17.39 23.34 -15.52
N THR C 180 -18.71 23.09 -15.56
CA THR C 180 -19.50 22.46 -16.61
C THR C 180 -20.73 23.33 -16.89
N SER C 191 -16.94 40.02 -18.30
CA SER C 191 -15.68 40.56 -18.82
C SER C 191 -14.69 40.97 -17.71
N LEU C 192 -13.43 41.31 -18.09
CA LEU C 192 -12.38 41.69 -17.15
C LEU C 192 -12.52 43.12 -16.64
N GLU C 193 -12.94 44.05 -17.51
CA GLU C 193 -13.13 45.44 -17.13
C GLU C 193 -14.32 45.61 -16.17
N GLU C 194 -15.44 44.87 -16.38
CA GLU C 194 -16.63 44.98 -15.53
C GLU C 194 -16.38 44.52 -14.09
N LEU C 195 -15.61 43.43 -13.93
CA LEU C 195 -15.30 42.85 -12.62
C LEU C 195 -14.19 43.56 -11.87
N GLN C 196 -13.08 43.91 -12.56
CA GLN C 196 -11.88 44.56 -12.03
C GLN C 196 -11.21 43.71 -10.93
N ILE C 197 -10.43 42.69 -11.36
CA ILE C 197 -9.74 41.79 -10.42
C ILE C 197 -8.21 41.77 -10.70
N GLY C 198 -7.45 42.16 -9.67
CA GLY C 198 -6.00 42.20 -9.74
C GLY C 198 -5.44 43.59 -9.61
N THR C 199 -4.10 43.71 -9.66
CA THR C 199 -3.40 44.98 -9.58
C THR C 199 -3.32 45.56 -11.00
N TYR C 200 -3.94 46.72 -11.21
CA TYR C 200 -4.01 47.37 -12.51
C TYR C 200 -3.19 48.63 -12.62
N ALA C 201 -2.75 49.21 -11.48
CA ALA C 201 -1.94 50.44 -11.47
C ALA C 201 -0.52 50.24 -10.93
N ASN C 202 0.43 51.09 -11.41
CA ASN C 202 1.85 51.11 -11.07
C ASN C 202 2.41 49.69 -10.87
N ILE C 203 2.49 49.04 -12.02
CA ILE C 203 2.92 47.66 -12.27
C ILE C 203 4.45 47.64 -12.33
N ALA C 204 5.05 46.59 -11.76
CA ALA C 204 6.50 46.41 -11.78
C ALA C 204 6.92 45.82 -13.14
N MET C 205 7.81 46.53 -13.87
CA MET C 205 8.31 46.13 -15.20
C MET C 205 9.80 46.37 -15.44
N VAL C 206 10.38 45.60 -16.38
CA VAL C 206 11.78 45.67 -16.83
C VAL C 206 11.85 45.95 -18.34
N ARG C 207 13.02 46.38 -18.84
CA ARG C 207 13.24 46.64 -20.26
C ARG C 207 14.05 45.50 -20.89
N THR C 208 14.25 45.53 -22.22
CA THR C 208 15.00 44.57 -23.04
C THR C 208 16.41 44.36 -22.48
N THR C 209 17.10 45.47 -22.20
CA THR C 209 18.47 45.46 -21.73
C THR C 209 18.65 45.53 -20.21
N THR C 210 17.54 45.44 -19.41
CA THR C 210 17.61 45.52 -17.94
C THR C 210 18.42 44.34 -17.38
N PRO C 211 19.50 44.58 -16.59
CA PRO C 211 20.29 43.46 -16.07
C PRO C 211 19.48 42.57 -15.14
N VAL C 212 19.85 41.28 -15.06
CA VAL C 212 19.16 40.34 -14.19
C VAL C 212 19.19 40.85 -12.74
N TYR C 213 20.36 41.30 -12.25
CA TYR C 213 20.49 41.81 -10.88
C TYR C 213 19.43 42.84 -10.55
N VAL C 214 19.30 43.87 -11.43
CA VAL C 214 18.35 44.96 -11.30
C VAL C 214 16.95 44.40 -11.12
N ALA C 215 16.58 43.46 -12.03
CA ALA C 215 15.29 42.78 -12.04
C ALA C 215 15.07 42.00 -10.76
N LEU C 216 16.13 41.35 -10.25
CA LEU C 216 16.04 40.60 -8.99
C LEU C 216 15.67 41.52 -7.86
N GLY C 217 16.24 42.72 -7.85
CA GLY C 217 15.94 43.76 -6.88
C GLY C 217 14.50 44.23 -6.92
N ILE C 218 13.88 44.20 -8.12
CA ILE C 218 12.48 44.59 -8.30
C ILE C 218 11.62 43.49 -7.69
N PHE C 219 11.97 42.22 -7.94
CA PHE C 219 11.27 41.07 -7.37
C PHE C 219 11.30 41.13 -5.83
N VAL C 220 12.33 41.81 -5.27
CA VAL C 220 12.53 41.94 -3.83
C VAL C 220 11.66 43.07 -3.26
N GLN C 221 11.95 44.33 -3.63
CA GLN C 221 11.23 45.52 -3.12
C GLN C 221 9.71 45.49 -3.43
N HIS C 222 9.32 45.07 -4.64
CA HIS C 222 7.91 45.02 -5.03
C HIS C 222 7.17 43.79 -4.53
N ARG C 223 7.90 42.67 -4.29
CA ARG C 223 7.34 41.39 -3.83
C ARG C 223 6.28 40.85 -4.83
N VAL C 224 6.70 40.68 -6.10
CA VAL C 224 5.88 40.18 -7.23
C VAL C 224 6.52 38.92 -7.87
N SER C 225 5.77 38.18 -8.72
CA SER C 225 6.26 36.94 -9.32
C SER C 225 6.81 37.04 -10.76
N ALA C 226 6.31 37.99 -11.57
CA ALA C 226 6.82 38.15 -12.94
C ALA C 226 6.97 39.59 -13.35
N LEU C 227 7.96 39.83 -14.20
CA LEU C 227 8.23 41.16 -14.69
C LEU C 227 8.15 41.21 -16.23
N PRO C 228 7.14 41.91 -16.78
CA PRO C 228 7.04 42.04 -18.24
C PRO C 228 8.20 42.87 -18.79
N VAL C 229 8.79 42.39 -19.88
CA VAL C 229 9.93 42.98 -20.61
C VAL C 229 9.36 43.89 -21.71
N VAL C 230 9.73 45.18 -21.70
CA VAL C 230 9.22 46.12 -22.70
C VAL C 230 10.31 46.58 -23.72
N ASP C 231 9.91 46.95 -24.97
CA ASP C 231 10.79 47.40 -26.06
C ASP C 231 11.09 48.90 -25.96
N GLU C 232 11.46 49.56 -27.08
CA GLU C 232 11.70 51.02 -27.13
C GLU C 232 10.43 51.75 -26.70
N LYS C 233 9.27 51.30 -27.25
CA LYS C 233 7.92 51.79 -26.91
C LYS C 233 7.34 50.88 -25.80
N GLY C 234 6.32 51.40 -25.10
CA GLY C 234 5.63 50.73 -23.99
C GLY C 234 5.12 49.33 -24.27
N ARG C 235 5.17 48.89 -25.56
CA ARG C 235 4.76 47.57 -26.03
C ARG C 235 5.65 46.47 -25.38
N VAL C 236 5.01 45.36 -24.91
CA VAL C 236 5.63 44.21 -24.21
C VAL C 236 6.09 43.08 -25.18
N VAL C 237 7.39 42.76 -25.17
CA VAL C 237 7.99 41.70 -26.00
C VAL C 237 8.01 40.34 -25.31
N ASP C 238 8.42 40.28 -24.02
CA ASP C 238 8.56 39.04 -23.24
C ASP C 238 8.18 39.24 -21.75
N ILE C 239 8.30 38.19 -20.93
CA ILE C 239 8.01 38.24 -19.49
C ILE C 239 8.96 37.30 -18.73
N TYR C 240 9.81 37.91 -17.90
CA TYR C 240 10.79 37.23 -17.07
C TYR C 240 10.13 36.98 -15.72
N SER C 241 10.02 35.71 -15.34
CA SER C 241 9.38 35.26 -14.11
C SER C 241 10.38 34.69 -13.14
N LYS C 242 9.98 34.55 -11.86
CA LYS C 242 10.74 33.95 -10.76
C LYS C 242 11.23 32.57 -11.16
N PHE C 243 10.45 31.88 -11.98
CA PHE C 243 10.78 30.55 -12.48
C PHE C 243 11.92 30.60 -13.50
N ASP C 244 12.06 31.69 -14.23
CA ASP C 244 13.16 31.79 -15.17
C ASP C 244 14.48 32.04 -14.42
N VAL C 245 14.39 32.31 -13.10
CA VAL C 245 15.55 32.56 -12.27
C VAL C 245 16.20 31.23 -11.83
N ILE C 246 15.48 30.08 -11.93
CA ILE C 246 16.16 28.80 -11.62
C ILE C 246 17.10 28.40 -12.71
N ASN C 247 16.84 28.87 -13.94
CA ASN C 247 17.73 28.55 -15.04
C ASN C 247 19.18 28.93 -14.73
N LEU C 248 19.40 29.99 -13.91
CA LEU C 248 20.73 30.45 -13.48
C LEU C 248 21.37 29.33 -12.68
N ALA C 249 20.63 28.78 -11.69
CA ALA C 249 21.10 27.67 -10.86
C ALA C 249 21.32 26.41 -11.71
N ALA C 250 20.37 26.08 -12.59
CA ALA C 250 20.40 24.93 -13.49
C ALA C 250 21.64 24.95 -14.38
N GLU C 251 21.85 26.05 -15.12
CA GLU C 251 22.99 26.19 -16.03
C GLU C 251 24.28 26.70 -15.35
N LYS C 252 24.23 26.93 -14.00
CA LYS C 252 25.35 27.43 -13.18
C LYS C 252 25.91 28.75 -13.77
N THR C 253 24.99 29.63 -14.21
CA THR C 253 25.29 30.93 -14.84
C THR C 253 24.98 32.10 -13.91
N TYR C 254 24.76 31.82 -12.60
CA TYR C 254 24.39 32.80 -11.57
C TYR C 254 25.50 33.77 -11.17
N ASN C 255 26.78 33.47 -11.52
CA ASN C 255 27.86 34.39 -11.15
C ASN C 255 27.94 35.62 -12.06
N ASN C 256 27.02 35.72 -13.03
CA ASN C 256 26.90 36.84 -13.94
C ASN C 256 25.46 37.26 -14.01
N LEU C 257 25.14 38.32 -13.26
CA LEU C 257 23.78 38.85 -13.17
C LEU C 257 23.70 40.20 -13.88
N ASP C 258 24.84 40.62 -14.47
CA ASP C 258 25.01 41.83 -15.27
C ASP C 258 24.24 41.71 -16.61
N VAL C 259 24.06 40.47 -17.12
CA VAL C 259 23.36 40.11 -18.37
C VAL C 259 21.96 40.65 -18.43
N SER C 260 21.58 41.17 -19.60
CA SER C 260 20.25 41.69 -19.80
C SER C 260 19.25 40.56 -19.61
N VAL C 261 18.04 40.94 -19.25
CA VAL C 261 16.94 40.03 -18.98
C VAL C 261 16.60 39.21 -20.25
N THR C 262 16.81 39.79 -21.48
CA THR C 262 16.59 39.10 -22.76
C THR C 262 17.62 37.97 -22.94
N LYS C 263 18.94 38.25 -22.62
CA LYS C 263 20.05 37.29 -22.68
C LYS C 263 19.74 36.07 -21.81
N ALA C 264 19.19 36.32 -20.61
CA ALA C 264 18.81 35.29 -19.64
C ALA C 264 17.69 34.40 -20.19
N LEU C 265 16.72 35.02 -20.87
CA LEU C 265 15.58 34.32 -21.42
C LEU C 265 15.90 33.59 -22.74
N GLN C 266 17.17 33.70 -23.25
CA GLN C 266 17.60 33.03 -24.49
C GLN C 266 17.55 31.49 -24.42
N HIS C 267 17.46 30.91 -23.20
CA HIS C 267 17.36 29.47 -22.97
C HIS C 267 15.99 28.88 -23.45
N ARG C 268 15.18 29.73 -24.14
CA ARG C 268 13.84 29.45 -24.69
C ARG C 268 13.42 30.52 -25.72
N VAL C 275 4.34 34.79 -26.17
CA VAL C 275 3.76 35.51 -25.04
C VAL C 275 2.35 34.98 -24.77
N LEU C 276 1.75 35.41 -23.64
CA LEU C 276 0.37 35.10 -23.25
C LEU C 276 -0.26 36.41 -22.75
N LYS C 277 -1.29 36.89 -23.49
CA LYS C 277 -1.99 38.17 -23.25
C LYS C 277 -3.52 38.03 -23.19
N CYS C 278 -4.17 38.98 -22.49
CA CYS C 278 -5.63 39.09 -22.36
C CYS C 278 -6.08 40.57 -22.37
N TYR C 279 -7.33 40.84 -22.80
CA TYR C 279 -7.90 42.18 -22.90
C TYR C 279 -9.00 42.43 -21.85
N LEU C 280 -9.50 43.66 -21.78
CA LEU C 280 -10.54 44.03 -20.80
C LEU C 280 -11.98 43.73 -21.28
N HIS C 281 -12.16 43.45 -22.59
CA HIS C 281 -13.45 43.12 -23.24
C HIS C 281 -13.76 41.61 -23.19
N GLU C 282 -12.74 40.79 -22.84
CA GLU C 282 -12.76 39.33 -22.75
C GLU C 282 -13.35 38.86 -21.42
N THR C 283 -14.28 37.87 -21.46
CA THR C 283 -14.95 37.32 -20.26
C THR C 283 -13.99 36.56 -19.32
N LEU C 284 -14.27 36.64 -18.00
CA LEU C 284 -13.52 36.02 -16.91
C LEU C 284 -13.35 34.51 -17.10
N GLU C 285 -14.41 33.82 -17.58
CA GLU C 285 -14.42 32.37 -17.87
C GLU C 285 -13.53 32.04 -19.06
N ALA C 286 -13.43 32.97 -20.06
CA ALA C 286 -12.58 32.84 -21.24
C ALA C 286 -11.13 33.01 -20.86
N ILE C 287 -10.86 33.89 -19.86
CA ILE C 287 -9.55 34.22 -19.27
C ILE C 287 -9.07 33.08 -18.36
N ILE C 288 -10.01 32.52 -17.55
CA ILE C 288 -9.78 31.39 -16.67
C ILE C 288 -9.43 30.17 -17.54
N ASN C 289 -10.11 30.02 -18.69
CA ASN C 289 -9.87 28.96 -19.68
C ASN C 289 -8.52 29.13 -20.38
N ARG C 290 -8.15 30.38 -20.75
CA ARG C 290 -6.88 30.71 -21.42
C ARG C 290 -5.68 30.42 -20.53
N LEU C 291 -5.78 30.70 -19.21
CA LEU C 291 -4.73 30.47 -18.22
C LEU C 291 -4.43 29.00 -18.03
N VAL C 292 -5.48 28.17 -17.84
CA VAL C 292 -5.33 26.74 -17.62
C VAL C 292 -4.85 26.02 -18.89
N GLU C 293 -5.47 26.29 -20.08
CA GLU C 293 -5.07 25.67 -21.36
C GLU C 293 -3.68 26.16 -21.86
N ALA C 294 -2.88 26.70 -20.94
CA ALA C 294 -1.51 27.19 -21.12
C ALA C 294 -0.71 26.94 -19.83
N GLU C 295 -1.41 26.58 -18.72
CA GLU C 295 -0.89 26.24 -17.38
C GLU C 295 0.13 27.27 -16.78
N VAL C 296 -0.07 28.57 -17.08
CA VAL C 296 0.80 29.66 -16.64
C VAL C 296 0.20 30.39 -15.39
N HIS C 297 1.03 31.05 -14.54
CA HIS C 297 0.57 31.70 -13.30
C HIS C 297 -0.22 33.02 -13.47
N ARG C 298 0.04 33.82 -14.53
CA ARG C 298 -0.71 35.07 -14.73
C ARG C 298 -0.75 35.52 -16.18
N LEU C 299 -1.71 36.40 -16.51
CA LEU C 299 -1.85 36.98 -17.83
C LEU C 299 -1.57 38.49 -17.80
N VAL C 300 -1.08 39.03 -18.92
CA VAL C 300 -0.79 40.46 -19.03
C VAL C 300 -2.04 41.13 -19.63
N VAL C 301 -2.55 42.18 -18.96
CA VAL C 301 -3.70 42.96 -19.44
C VAL C 301 -3.12 44.00 -20.41
N VAL C 302 -3.29 43.74 -21.71
CA VAL C 302 -2.69 44.51 -22.80
C VAL C 302 -3.71 45.37 -23.62
N ASP C 303 -3.17 46.38 -24.31
CA ASP C 303 -3.90 47.29 -25.21
C ASP C 303 -3.90 46.86 -26.69
N GLU C 304 -4.61 47.63 -27.50
CA GLU C 304 -4.73 47.32 -28.94
C GLU C 304 -3.39 46.97 -29.62
N HIS C 305 -2.34 47.79 -29.40
CA HIS C 305 -1.01 47.61 -29.99
C HIS C 305 0.05 47.16 -28.96
N ASP C 306 -0.17 45.97 -28.36
CA ASP C 306 0.68 45.25 -27.41
C ASP C 306 1.26 46.11 -26.23
N VAL C 307 0.51 47.15 -25.75
CA VAL C 307 0.93 48.01 -24.62
C VAL C 307 0.31 47.57 -23.28
N VAL C 308 1.14 47.42 -22.21
CA VAL C 308 0.70 46.99 -20.87
C VAL C 308 -0.32 47.97 -20.23
N LYS C 309 -1.30 47.42 -19.46
CA LYS C 309 -2.37 48.19 -18.80
C LYS C 309 -2.69 47.75 -17.36
N GLY C 310 -2.30 46.53 -17.01
CA GLY C 310 -2.50 45.93 -15.69
C GLY C 310 -2.07 44.48 -15.65
N ILE C 311 -2.49 43.74 -14.59
CA ILE C 311 -2.16 42.32 -14.45
C ILE C 311 -3.30 41.54 -13.75
N VAL C 312 -3.38 40.23 -14.05
CA VAL C 312 -4.41 39.34 -13.48
C VAL C 312 -3.77 37.97 -13.16
N SER C 313 -3.53 37.73 -11.86
CA SER C 313 -2.87 36.53 -11.37
C SER C 313 -3.83 35.49 -10.81
N LEU C 314 -3.36 34.24 -10.69
CA LEU C 314 -4.09 33.11 -10.15
C LEU C 314 -4.53 33.37 -8.71
N SER C 315 -3.70 34.14 -7.94
CA SER C 315 -3.97 34.55 -6.55
C SER C 315 -5.22 35.46 -6.51
N ASP C 316 -5.34 36.38 -7.50
CA ASP C 316 -6.46 37.32 -7.63
C ASP C 316 -7.78 36.60 -7.91
N ILE C 317 -7.78 35.73 -8.96
CA ILE C 317 -8.93 34.93 -9.39
C ILE C 317 -9.45 34.08 -8.23
N LEU C 318 -8.54 33.46 -7.46
CA LEU C 318 -8.92 32.65 -6.31
C LEU C 318 -9.41 33.47 -5.11
N GLN C 319 -9.08 34.78 -5.05
CA GLN C 319 -9.60 35.63 -3.97
C GLN C 319 -11.05 36.00 -4.32
N ALA C 320 -11.31 36.30 -5.61
CA ALA C 320 -12.63 36.65 -6.15
C ALA C 320 -13.63 35.53 -5.94
N LEU C 321 -13.16 34.28 -6.05
CA LEU C 321 -13.94 33.06 -5.88
C LEU C 321 -13.68 32.47 -4.47
N VAL C 322 -13.86 33.32 -3.43
CA VAL C 322 -13.66 33.00 -2.00
C VAL C 322 -14.48 33.94 -1.11
#